data_6CBX
#
_entry.id   6CBX
#
_cell.length_a   58.020
_cell.length_b   117.031
_cell.length_c   64.444
_cell.angle_alpha   90.000
_cell.angle_beta   92.540
_cell.angle_gamma   90.000
#
_symmetry.space_group_name_H-M   'P 1 21 1'
#
loop_
_entity.id
_entity.type
_entity.pdbx_description
1 polymer 'N-lysine methyltransferase SMYD2'
2 non-polymer 'ZINC ION'
3 non-polymer '[3-(4-amino-6-methyl-1H-imidazo[4,5-c]pyridin-1-yl)azetidin-1-yl][1-({1-[(1R)-cyclohept-2-en-1-yl]piperidin-4-yl}methyl )-1H-pyrrol-3-yl]methanone'
4 non-polymer 'CHLORIDE ION'
5 non-polymer 1,2-ETHANEDIOL
6 non-polymer 'UNKNOWN ATOM OR ION'
7 water water
#
_entity_poly.entity_id   1
_entity_poly.type   'polypeptide(L)'
_entity_poly.pdbx_seq_one_letter_code
;GMRAEGLGGLERFCSPGKGRGLRALQPFQVGDLLFSCPAYAYVLTVNERGNHCEYCFTRKEGLSKCGRCKQAFYCNVECQ
KEDWPMHKLECSPMVVFGENWNPSETVRLTARILAKQKIHPERTPSEKLLAVKEFESHLDKLDNEKKDLIQSDIAALHHF
YSKHLEFPDNDSLVVLFAQVNCNGFTIEDEELSHLGSAIFPDVALMNHSCCPNVIVTYKGTLAEVRAVQEIKPGEEVFTS
YIDLLYPTEDRNDRLRDSYFFTCECQECTTKDKDKAKVEIRKLSDPPKAEAIRDMVRYARNVIEEFRRAKHYKSPSELLE
ICELSQEKMSSVFEDSNVYMLHMMYQAMGVCLYMQDWEGALQYGQKIIKPYSKHYPLYSLNVASMWLKLGRLYMGLEHKA
AGEKALKKAIAIMEVAHGKDHPYISEIKQEIESH
;
_entity_poly.pdbx_strand_id   A,B
#
# COMPACT_ATOMS: atom_id res chain seq x y z
N GLY A 6 -4.03 -17.25 -36.12
CA GLY A 6 -3.42 -15.90 -36.11
C GLY A 6 -2.65 -15.59 -37.37
N LEU A 7 -3.14 -16.08 -38.52
CA LEU A 7 -2.41 -16.01 -39.79
C LEU A 7 -3.31 -16.01 -41.05
N GLY A 8 -4.35 -16.85 -41.07
CA GLY A 8 -5.26 -16.94 -42.20
C GLY A 8 -6.02 -15.65 -42.47
N GLY A 9 -5.77 -15.03 -43.63
CA GLY A 9 -6.43 -13.79 -44.02
C GLY A 9 -5.92 -12.57 -43.26
N LEU A 10 -4.76 -12.70 -42.59
CA LEU A 10 -4.18 -11.61 -41.79
C LEU A 10 -2.67 -11.60 -42.00
N GLU A 11 -2.02 -10.45 -41.76
CA GLU A 11 -0.54 -10.42 -41.72
C GLU A 11 0.00 -9.42 -40.74
N ARG A 12 1.21 -9.69 -40.28
CA ARG A 12 1.96 -8.70 -39.51
C ARG A 12 2.47 -7.63 -40.47
N PHE A 13 2.44 -6.36 -40.04
CA PHE A 13 2.91 -5.23 -40.88
C PHE A 13 3.37 -4.06 -40.00
N CYS A 14 3.95 -3.02 -40.62
CA CYS A 14 4.39 -1.80 -39.92
C CYS A 14 3.32 -0.76 -39.99
N SER A 15 2.64 -0.48 -38.87
CA SER A 15 1.59 0.53 -38.85
C SER A 15 2.22 1.92 -38.69
N PRO A 16 2.04 2.80 -39.68
CA PRO A 16 2.69 4.11 -39.61
C PRO A 16 2.36 4.88 -38.33
N GLY A 17 3.40 5.29 -37.60
CA GLY A 17 3.26 6.06 -36.39
C GLY A 17 2.98 5.23 -35.14
N LYS A 18 2.78 3.92 -35.32
CA LYS A 18 2.34 3.03 -34.25
C LYS A 18 3.29 1.89 -33.98
N GLY A 19 3.84 1.29 -35.03
CA GLY A 19 4.77 0.19 -34.86
C GLY A 19 4.15 -1.08 -35.42
N ARG A 20 4.77 -2.19 -35.10
CA ARG A 20 4.29 -3.49 -35.58
C ARG A 20 2.80 -3.69 -35.23
N GLY A 21 2.04 -4.24 -36.17
CA GLY A 21 0.61 -4.43 -35.98
C GLY A 21 0.09 -5.54 -36.88
N LEU A 22 -1.23 -5.60 -36.97
CA LEU A 22 -1.94 -6.65 -37.68
C LEU A 22 -2.90 -6.03 -38.66
N ARG A 23 -2.89 -6.59 -39.88
CA ARG A 23 -3.60 -6.06 -41.03
C ARG A 23 -4.45 -7.21 -41.65
N ALA A 24 -5.67 -6.89 -42.05
CA ALA A 24 -6.57 -7.81 -42.74
C ALA A 24 -6.19 -7.91 -44.21
N LEU A 25 -6.12 -9.13 -44.71
CA LEU A 25 -5.96 -9.43 -46.15
C LEU A 25 -7.28 -9.87 -46.82
N GLN A 26 -8.29 -10.19 -46.02
CA GLN A 26 -9.60 -10.57 -46.53
C GLN A 26 -10.65 -9.75 -45.78
N PRO A 27 -11.91 -9.72 -46.30
CA PRO A 27 -12.98 -9.03 -45.55
C PRO A 27 -13.36 -9.78 -44.30
N PHE A 28 -13.80 -9.04 -43.29
CA PHE A 28 -14.48 -9.61 -42.13
C PHE A 28 -15.76 -8.83 -41.88
N GLN A 29 -16.83 -9.53 -41.56
CA GLN A 29 -18.07 -8.87 -41.16
C GLN A 29 -18.17 -8.88 -39.64
N VAL A 30 -19.03 -8.03 -39.13
CA VAL A 30 -19.35 -8.00 -37.71
C VAL A 30 -19.70 -9.43 -37.22
N GLY A 31 -19.06 -9.85 -36.15
CA GLY A 31 -19.23 -11.19 -35.61
C GLY A 31 -18.23 -12.23 -36.06
N ASP A 32 -17.53 -12.00 -37.17
CA ASP A 32 -16.58 -13.00 -37.70
C ASP A 32 -15.36 -13.20 -36.80
N LEU A 33 -14.90 -14.44 -36.71
CA LEU A 33 -13.67 -14.78 -36.02
C LEU A 33 -12.47 -14.47 -36.87
N LEU A 34 -11.64 -13.49 -36.47
CA LEU A 34 -10.39 -13.24 -37.22
C LEU A 34 -9.41 -14.32 -36.88
N PHE A 35 -9.18 -14.51 -35.59
CA PHE A 35 -8.32 -15.59 -35.13
C PHE A 35 -8.59 -15.94 -33.70
N SER A 36 -8.10 -17.10 -33.28
CA SER A 36 -8.06 -17.45 -31.88
C SER A 36 -6.61 -17.68 -31.47
N CYS A 37 -6.34 -17.55 -30.19
CA CYS A 37 -4.97 -17.62 -29.70
C CYS A 37 -4.93 -18.40 -28.41
N PRO A 38 -4.33 -19.61 -28.43
CA PRO A 38 -4.22 -20.39 -27.20
C PRO A 38 -3.29 -19.70 -26.20
N ALA A 39 -3.58 -19.83 -24.92
CA ALA A 39 -2.76 -19.18 -23.91
C ALA A 39 -1.36 -19.80 -23.93
N TYR A 40 -0.36 -18.94 -24.06
CA TYR A 40 1.04 -19.32 -23.88
C TYR A 40 1.26 -19.70 -22.42
N ALA A 41 0.70 -18.92 -21.52
CA ALA A 41 0.75 -19.22 -20.09
C ALA A 41 -0.48 -18.61 -19.49
N TYR A 42 -0.99 -19.20 -18.41
CA TYR A 42 -2.20 -18.67 -17.80
C TYR A 42 -2.31 -19.12 -16.35
N VAL A 43 -3.12 -18.43 -15.58
CA VAL A 43 -3.31 -18.79 -14.20
C VAL A 43 -4.69 -18.39 -13.75
N LEU A 44 -5.36 -19.33 -13.09
CA LEU A 44 -6.67 -19.08 -12.49
C LEU A 44 -6.47 -18.35 -11.17
N THR A 45 -7.20 -17.27 -11.00
CA THR A 45 -7.11 -16.44 -9.82
C THR A 45 -7.54 -17.28 -8.59
N VAL A 46 -6.87 -17.05 -7.46
CA VAL A 46 -7.09 -17.83 -6.23
C VAL A 46 -8.57 -17.87 -5.80
N ASN A 47 -9.25 -16.73 -5.84
CA ASN A 47 -10.68 -16.68 -5.41
C ASN A 47 -11.67 -17.43 -6.30
N GLU A 48 -11.25 -17.93 -7.46
CA GLU A 48 -12.14 -18.73 -8.28
C GLU A 48 -11.85 -20.23 -8.23
N ARG A 49 -10.94 -20.65 -7.34
CA ARG A 49 -10.46 -22.03 -7.31
C ARG A 49 -11.56 -23.10 -7.28
N GLY A 50 -12.43 -23.00 -6.29
CA GLY A 50 -13.54 -23.94 -6.16
C GLY A 50 -14.46 -24.00 -7.37
N ASN A 51 -14.69 -22.86 -8.03
CA ASN A 51 -15.72 -22.72 -9.07
C ASN A 51 -15.29 -23.06 -10.51
N HIS A 52 -13.98 -22.93 -10.82
CA HIS A 52 -13.46 -23.24 -12.17
C HIS A 52 -12.32 -24.25 -12.16
N CYS A 53 -12.27 -25.10 -13.20
CA CYS A 53 -11.15 -25.99 -13.42
C CYS A 53 -9.87 -25.18 -13.61
N GLU A 54 -8.79 -25.64 -12.99
CA GLU A 54 -7.50 -24.93 -13.04
C GLU A 54 -6.93 -24.93 -14.42
N TYR A 55 -7.17 -26.04 -15.15
CA TYR A 55 -6.59 -26.22 -16.46
C TYR A 55 -7.34 -25.47 -17.56
N CYS A 56 -8.64 -25.68 -17.63
CA CYS A 56 -9.45 -25.25 -18.78
C CYS A 56 -10.45 -24.15 -18.45
N PHE A 57 -10.52 -23.73 -17.19
CA PHE A 57 -11.38 -22.63 -16.71
C PHE A 57 -12.90 -22.89 -16.77
N THR A 58 -13.32 -24.07 -17.22
CA THR A 58 -14.76 -24.45 -17.22
C THR A 58 -15.34 -24.28 -15.84
N ARG A 59 -16.44 -23.53 -15.76
CA ARG A 59 -17.20 -23.39 -14.53
C ARG A 59 -18.15 -24.58 -14.46
N LYS A 60 -18.13 -25.30 -13.33
CA LYS A 60 -19.22 -26.22 -12.97
C LYS A 60 -19.12 -26.69 -11.53
N GLU A 61 -20.25 -27.17 -11.00
CA GLU A 61 -20.32 -27.69 -9.64
C GLU A 61 -19.66 -29.05 -9.60
N GLY A 62 -19.18 -29.42 -8.41
CA GLY A 62 -18.59 -30.74 -8.17
C GLY A 62 -17.28 -31.03 -8.87
N LEU A 63 -16.37 -30.06 -8.91
CA LEU A 63 -15.07 -30.32 -9.51
C LEU A 63 -14.21 -31.19 -8.59
N SER A 64 -13.38 -32.00 -9.23
CA SER A 64 -12.52 -32.96 -8.57
C SER A 64 -11.24 -32.27 -8.05
N LYS A 65 -11.00 -32.43 -6.76
CA LYS A 65 -9.88 -31.80 -6.04
C LYS A 65 -8.52 -32.48 -6.32
N CYS A 66 -7.43 -31.70 -6.38
CA CYS A 66 -6.06 -32.29 -6.46
C CYS A 66 -5.78 -33.00 -5.14
N GLY A 67 -5.47 -34.29 -5.19
CA GLY A 67 -5.25 -35.11 -3.99
C GLY A 67 -3.95 -34.78 -3.28
N ARG A 68 -3.04 -34.10 -4.00
CA ARG A 68 -1.70 -33.81 -3.51
C ARG A 68 -1.70 -32.55 -2.66
N CYS A 69 -2.28 -31.45 -3.16
CA CYS A 69 -2.39 -30.22 -2.37
C CYS A 69 -3.76 -29.92 -1.81
N LYS A 70 -4.81 -30.53 -2.34
CA LYS A 70 -6.18 -30.18 -1.93
C LYS A 70 -6.59 -28.69 -2.16
N GLN A 71 -5.90 -27.96 -3.05
CA GLN A 71 -6.23 -26.55 -3.36
C GLN A 71 -6.70 -26.33 -4.78
N ALA A 72 -6.26 -27.17 -5.71
CA ALA A 72 -6.62 -27.03 -7.11
C ALA A 72 -7.81 -27.95 -7.41
N PHE A 73 -8.58 -27.57 -8.42
CA PHE A 73 -9.78 -28.31 -8.81
C PHE A 73 -9.77 -28.54 -10.31
N TYR A 74 -10.18 -29.73 -10.73
CA TYR A 74 -10.10 -30.19 -12.12
C TYR A 74 -11.39 -30.88 -12.61
N CYS A 75 -11.69 -30.74 -13.90
CA CYS A 75 -12.82 -31.48 -14.50
C CYS A 75 -12.63 -33.00 -14.33
N ASN A 76 -11.44 -33.48 -14.71
CA ASN A 76 -11.12 -34.89 -14.67
C ASN A 76 -9.59 -35.12 -14.61
N VAL A 77 -9.19 -36.39 -14.72
CA VAL A 77 -7.78 -36.78 -14.72
C VAL A 77 -6.99 -36.24 -15.93
N GLU A 78 -7.66 -36.03 -17.08
CA GLU A 78 -6.98 -35.42 -18.24
C GLU A 78 -6.62 -33.95 -17.91
N CYS A 79 -7.59 -33.17 -17.43
CA CYS A 79 -7.34 -31.77 -17.04
C CYS A 79 -6.20 -31.75 -16.00
N GLN A 80 -6.32 -32.59 -14.96
CA GLN A 80 -5.27 -32.73 -13.92
C GLN A 80 -3.88 -33.06 -14.49
N LYS A 81 -3.80 -34.07 -15.34
CA LYS A 81 -2.54 -34.47 -15.93
C LYS A 81 -1.95 -33.33 -16.77
N GLU A 82 -2.81 -32.68 -17.56
CA GLU A 82 -2.35 -31.68 -18.51
C GLU A 82 -1.88 -30.40 -17.81
N ASP A 83 -2.51 -30.03 -16.69
CA ASP A 83 -2.11 -28.86 -15.89
C ASP A 83 -0.83 -29.03 -15.08
N TRP A 84 -0.37 -30.27 -14.90
CA TRP A 84 0.71 -30.59 -13.94
C TRP A 84 2.00 -29.79 -14.17
N PRO A 85 2.51 -29.71 -15.42
CA PRO A 85 3.73 -28.94 -15.66
C PRO A 85 3.70 -27.49 -15.12
N MET A 86 2.52 -26.90 -15.01
CA MET A 86 2.34 -25.60 -14.41
C MET A 86 1.96 -25.73 -12.95
N HIS A 87 0.99 -26.60 -12.65
CA HIS A 87 0.56 -26.82 -11.30
C HIS A 87 1.69 -27.29 -10.34
N LYS A 88 2.66 -28.05 -10.86
CA LYS A 88 3.77 -28.57 -10.04
C LYS A 88 4.60 -27.46 -9.41
N LEU A 89 4.54 -26.26 -10.01
CA LEU A 89 5.22 -25.09 -9.48
C LEU A 89 4.65 -24.60 -8.16
N GLU A 90 3.41 -25.00 -7.86
CA GLU A 90 2.69 -24.52 -6.68
C GLU A 90 2.15 -25.57 -5.75
N CYS A 91 2.01 -26.81 -6.24
CA CYS A 91 1.29 -27.87 -5.52
C CYS A 91 1.97 -28.13 -4.17
N SER A 92 3.21 -28.61 -4.18
N SER A 92 3.22 -28.61 -4.20
CA SER A 92 3.93 -28.80 -2.92
CA SER A 92 3.97 -28.83 -2.96
C SER A 92 4.13 -27.48 -2.17
C SER A 92 4.20 -27.52 -2.18
N PRO A 93 4.59 -26.41 -2.86
CA PRO A 93 4.71 -25.11 -2.15
C PRO A 93 3.49 -24.67 -1.36
N MET A 94 2.29 -24.93 -1.87
CA MET A 94 1.07 -24.59 -1.11
C MET A 94 0.97 -25.44 0.17
N VAL A 95 1.37 -26.70 0.08
CA VAL A 95 1.40 -27.59 1.25
C VAL A 95 2.46 -27.07 2.23
N VAL A 96 3.67 -26.81 1.72
CA VAL A 96 4.78 -26.35 2.56
C VAL A 96 4.41 -25.03 3.25
N PHE A 97 4.02 -24.02 2.48
CA PHE A 97 3.74 -22.69 3.02
C PHE A 97 2.36 -22.51 3.68
N GLY A 98 1.37 -23.35 3.32
CA GLY A 98 0.00 -23.21 3.86
C GLY A 98 -0.59 -21.81 3.68
N GLU A 99 -1.22 -21.26 4.71
CA GLU A 99 -1.75 -19.90 4.65
C GLU A 99 -0.72 -18.78 4.37
N ASN A 100 0.57 -19.07 4.48
CA ASN A 100 1.61 -18.11 4.14
C ASN A 100 1.94 -18.10 2.65
N TRP A 101 1.32 -18.97 1.86
CA TRP A 101 1.53 -18.96 0.40
C TRP A 101 0.76 -17.78 -0.19
N ASN A 102 1.47 -16.83 -0.78
CA ASN A 102 0.82 -15.61 -1.27
C ASN A 102 1.57 -14.89 -2.37
N PRO A 103 2.04 -15.60 -3.41
CA PRO A 103 2.60 -14.87 -4.56
C PRO A 103 1.49 -14.10 -5.27
N SER A 104 1.78 -12.89 -5.74
CA SER A 104 0.82 -12.11 -6.51
C SER A 104 0.51 -12.83 -7.82
N GLU A 105 -0.61 -12.50 -8.43
CA GLU A 105 -0.97 -13.14 -9.69
C GLU A 105 0.10 -12.92 -10.78
N THR A 106 0.73 -11.75 -10.79
CA THR A 106 1.82 -11.47 -11.73
C THR A 106 3.00 -12.41 -11.50
N VAL A 107 3.32 -12.67 -10.23
CA VAL A 107 4.42 -13.61 -9.90
C VAL A 107 4.04 -15.02 -10.34
N ARG A 108 2.79 -15.41 -10.08
CA ARG A 108 2.29 -16.72 -10.46
C ARG A 108 2.37 -16.93 -11.98
N LEU A 109 1.96 -15.91 -12.74
CA LEU A 109 2.00 -15.98 -14.20
C LEU A 109 3.45 -16.00 -14.73
N THR A 110 4.32 -15.21 -14.11
CA THR A 110 5.73 -15.16 -14.54
C THR A 110 6.46 -16.49 -14.27
N ALA A 111 6.14 -17.14 -13.16
CA ALA A 111 6.70 -18.44 -12.85
C ALA A 111 6.33 -19.46 -13.94
N ARG A 112 5.08 -19.40 -14.39
N ARG A 112 5.08 -19.39 -14.39
CA ARG A 112 4.62 -20.27 -15.47
CA ARG A 112 4.58 -20.27 -15.45
C ARG A 112 5.33 -20.02 -16.78
C ARG A 112 5.22 -20.00 -16.82
N ILE A 113 5.55 -18.75 -17.09
CA ILE A 113 6.32 -18.36 -18.28
C ILE A 113 7.70 -19.00 -18.25
N LEU A 114 8.37 -18.88 -17.10
CA LEU A 114 9.69 -19.52 -16.94
C LEU A 114 9.65 -21.05 -17.09
N ALA A 115 8.64 -21.69 -16.49
CA ALA A 115 8.46 -23.13 -16.69
C ALA A 115 8.16 -23.48 -18.16
N LYS A 116 7.34 -22.67 -18.82
CA LYS A 116 6.96 -22.88 -20.24
C LYS A 116 8.19 -22.77 -21.14
N GLN A 117 9.03 -21.79 -20.87
CA GLN A 117 10.30 -21.59 -21.59
C GLN A 117 11.25 -22.78 -21.46
N LYS A 118 11.25 -23.45 -20.32
CA LYS A 118 12.06 -24.67 -20.13
C LYS A 118 11.48 -25.89 -20.87
N ILE A 119 10.16 -26.09 -20.81
CA ILE A 119 9.53 -27.28 -21.43
C ILE A 119 9.39 -27.12 -22.94
N HIS A 120 9.01 -25.93 -23.39
CA HIS A 120 8.80 -25.65 -24.82
C HIS A 120 9.55 -24.40 -25.20
N PRO A 121 10.90 -24.50 -25.32
CA PRO A 121 11.73 -23.34 -25.65
C PRO A 121 11.47 -22.74 -27.05
N GLU A 122 10.96 -23.55 -27.98
CA GLU A 122 10.70 -23.09 -29.34
C GLU A 122 9.34 -22.41 -29.50
N ARG A 123 9.17 -21.73 -30.63
CA ARG A 123 7.95 -20.98 -30.94
C ARG A 123 6.72 -21.88 -30.79
N THR A 124 5.66 -21.32 -30.23
CA THR A 124 4.41 -22.04 -30.02
C THR A 124 3.36 -21.48 -30.96
N PRO A 125 2.21 -22.18 -31.11
CA PRO A 125 1.14 -21.68 -31.97
C PRO A 125 0.58 -20.34 -31.54
N SER A 126 0.69 -20.01 -30.25
CA SER A 126 0.28 -18.68 -29.78
C SER A 126 1.17 -17.54 -30.27
N GLU A 127 2.33 -17.89 -30.82
CA GLU A 127 3.36 -16.97 -31.27
C GLU A 127 3.60 -17.04 -32.77
N LYS A 128 2.55 -17.20 -33.55
CA LYS A 128 2.70 -17.29 -35.04
C LYS A 128 3.35 -16.03 -35.58
N LEU A 129 2.92 -14.89 -35.06
CA LEU A 129 3.35 -13.59 -35.57
C LEU A 129 4.16 -12.73 -34.59
N LEU A 130 4.02 -12.96 -33.29
CA LEU A 130 4.82 -12.24 -32.31
C LEU A 130 5.21 -13.19 -31.22
N ALA A 131 6.50 -13.17 -30.84
CA ALA A 131 7.03 -14.08 -29.83
C ALA A 131 7.09 -13.34 -28.51
N VAL A 132 6.98 -14.10 -27.44
CA VAL A 132 7.04 -13.54 -26.06
C VAL A 132 8.35 -12.80 -25.86
N LYS A 133 9.45 -13.36 -26.36
CA LYS A 133 10.76 -12.70 -26.25
C LYS A 133 10.80 -11.30 -26.94
N GLU A 134 9.91 -11.05 -27.91
CA GLU A 134 9.86 -9.75 -28.58
C GLU A 134 8.97 -8.74 -27.89
N PHE A 135 8.32 -9.10 -26.77
CA PHE A 135 7.42 -8.16 -26.09
C PHE A 135 8.11 -6.90 -25.65
N GLU A 136 7.39 -5.78 -25.69
N GLU A 136 7.39 -5.78 -25.69
CA GLU A 136 7.91 -4.51 -25.20
CA GLU A 136 7.90 -4.53 -25.17
C GLU A 136 7.91 -4.54 -23.66
C GLU A 136 7.95 -4.63 -23.65
N SER A 137 9.04 -4.17 -23.05
CA SER A 137 9.15 -4.05 -21.60
C SER A 137 8.93 -2.62 -21.09
N HIS A 138 9.26 -1.64 -21.94
CA HIS A 138 9.29 -0.23 -21.55
C HIS A 138 10.20 0.06 -20.35
N LEU A 139 11.23 -0.76 -20.16
CA LEU A 139 12.00 -0.72 -18.93
C LEU A 139 12.63 0.66 -18.69
N ASP A 140 13.18 1.29 -19.73
N ASP A 140 13.15 1.31 -19.74
CA ASP A 140 13.80 2.61 -19.64
CA ASP A 140 13.82 2.62 -19.59
C ASP A 140 12.83 3.74 -19.24
C ASP A 140 12.83 3.78 -19.31
N LYS A 141 11.52 3.54 -19.43
CA LYS A 141 10.50 4.50 -19.04
C LYS A 141 9.87 4.27 -17.64
N LEU A 142 10.18 3.16 -16.98
CA LEU A 142 9.57 2.86 -15.69
C LEU A 142 10.17 3.72 -14.58
N ASP A 143 9.33 4.21 -13.68
CA ASP A 143 9.79 5.00 -12.56
C ASP A 143 10.30 4.08 -11.44
N ASN A 144 10.90 4.68 -10.42
CA ASN A 144 11.53 3.89 -9.37
C ASN A 144 10.58 3.06 -8.54
N GLU A 145 9.36 3.55 -8.34
CA GLU A 145 8.33 2.78 -7.67
C GLU A 145 8.00 1.50 -8.41
N LYS A 146 7.78 1.60 -9.73
CA LYS A 146 7.54 0.42 -10.53
C LYS A 146 8.71 -0.53 -10.50
N LYS A 147 9.93 0.00 -10.62
CA LYS A 147 11.11 -0.86 -10.54
C LYS A 147 11.30 -1.53 -9.18
N ASP A 148 10.93 -0.80 -8.12
CA ASP A 148 10.90 -1.35 -6.76
C ASP A 148 9.88 -2.50 -6.64
N LEU A 149 8.69 -2.30 -7.20
CA LEU A 149 7.67 -3.34 -7.25
C LEU A 149 8.16 -4.55 -8.03
N ILE A 150 8.91 -4.33 -9.11
CA ILE A 150 9.52 -5.45 -9.84
C ILE A 150 10.52 -6.21 -8.96
N GLN A 151 11.39 -5.49 -8.25
CA GLN A 151 12.30 -6.17 -7.34
C GLN A 151 11.55 -7.00 -6.28
N SER A 152 10.46 -6.47 -5.73
CA SER A 152 9.64 -7.25 -4.79
C SER A 152 9.02 -8.50 -5.43
N ASP A 153 8.59 -8.41 -6.70
CA ASP A 153 8.14 -9.60 -7.44
C ASP A 153 9.25 -10.63 -7.61
N ILE A 154 10.46 -10.18 -7.98
CA ILE A 154 11.56 -11.11 -8.10
C ILE A 154 11.84 -11.78 -6.75
N ALA A 155 11.82 -11.01 -5.69
CA ALA A 155 12.05 -11.58 -4.35
C ALA A 155 11.01 -12.65 -4.01
N ALA A 156 9.75 -12.35 -4.32
CA ALA A 156 8.64 -13.25 -4.09
C ALA A 156 8.72 -14.52 -4.94
N LEU A 157 9.16 -14.35 -6.18
CA LEU A 157 9.34 -15.47 -7.10
C LEU A 157 10.36 -16.47 -6.54
N HIS A 158 11.50 -15.94 -6.09
CA HIS A 158 12.52 -16.77 -5.46
C HIS A 158 11.98 -17.39 -4.19
N HIS A 159 11.27 -16.59 -3.40
CA HIS A 159 10.78 -17.03 -2.09
C HIS A 159 9.79 -18.21 -2.19
N PHE A 160 8.81 -18.11 -3.07
CA PHE A 160 7.76 -19.12 -3.16
C PHE A 160 8.03 -20.24 -4.15
N TYR A 161 8.91 -20.04 -5.12
CA TYR A 161 9.15 -21.01 -6.19
C TYR A 161 10.56 -21.61 -6.23
N SER A 162 11.40 -21.38 -5.22
CA SER A 162 12.84 -21.72 -5.35
C SER A 162 13.13 -23.20 -5.62
N LYS A 163 12.28 -24.10 -5.16
CA LYS A 163 12.48 -25.54 -5.42
C LYS A 163 12.01 -26.02 -6.80
N HIS A 164 11.37 -25.14 -7.58
CA HIS A 164 10.69 -25.57 -8.79
C HIS A 164 11.06 -24.83 -10.09
N LEU A 165 12.05 -23.92 -10.03
CA LEU A 165 12.47 -23.16 -11.18
C LEU A 165 13.97 -22.96 -11.18
N GLU A 166 14.57 -22.93 -12.35
CA GLU A 166 15.92 -22.43 -12.50
C GLU A 166 15.79 -20.96 -12.87
N PHE A 167 16.30 -20.09 -12.03
CA PHE A 167 16.10 -18.65 -12.24
C PHE A 167 17.15 -18.07 -13.15
N PRO A 168 16.73 -17.25 -14.12
CA PRO A 168 17.72 -16.43 -14.78
C PRO A 168 18.20 -15.33 -13.85
N ASP A 169 19.20 -14.59 -14.30
CA ASP A 169 19.75 -13.49 -13.52
C ASP A 169 18.74 -12.35 -13.33
N ASN A 170 19.04 -11.50 -12.36
CA ASN A 170 18.15 -10.41 -11.99
C ASN A 170 17.78 -9.52 -13.18
N ASP A 171 18.76 -9.15 -14.01
CA ASP A 171 18.51 -8.28 -15.16
C ASP A 171 17.48 -8.86 -16.13
N SER A 172 17.59 -10.16 -16.40
CA SER A 172 16.61 -10.85 -17.26
C SER A 172 15.21 -10.88 -16.69
N LEU A 173 15.13 -11.10 -15.38
CA LEU A 173 13.84 -11.17 -14.73
C LEU A 173 13.18 -9.82 -14.67
N VAL A 174 13.98 -8.76 -14.49
CA VAL A 174 13.44 -7.40 -14.52
C VAL A 174 12.75 -7.17 -15.86
N VAL A 175 13.44 -7.51 -16.95
CA VAL A 175 12.83 -7.40 -18.28
C VAL A 175 11.54 -8.22 -18.42
N LEU A 176 11.57 -9.47 -17.97
CA LEU A 176 10.43 -10.33 -18.11
C LEU A 176 9.26 -9.80 -17.29
N PHE A 177 9.49 -9.40 -16.03
CA PHE A 177 8.40 -8.81 -15.24
C PHE A 177 7.83 -7.55 -15.87
N ALA A 178 8.67 -6.70 -16.40
CA ALA A 178 8.20 -5.53 -17.08
C ALA A 178 7.34 -5.91 -18.30
N GLN A 179 7.78 -6.93 -19.05
CA GLN A 179 7.00 -7.41 -20.19
C GLN A 179 5.64 -7.91 -19.72
N VAL A 180 5.62 -8.71 -18.66
CA VAL A 180 4.36 -9.25 -18.13
C VAL A 180 3.44 -8.12 -17.68
N ASN A 181 4.01 -7.12 -17.03
CA ASN A 181 3.23 -5.98 -16.52
C ASN A 181 2.41 -5.26 -17.60
N CYS A 182 2.94 -5.09 -18.80
CA CYS A 182 2.17 -4.41 -19.86
C CYS A 182 1.53 -5.34 -20.91
N ASN A 183 1.94 -6.60 -21.00
CA ASN A 183 1.44 -7.52 -22.03
C ASN A 183 0.44 -8.53 -21.54
N GLY A 184 0.36 -8.77 -20.22
CA GLY A 184 -0.62 -9.70 -19.69
C GLY A 184 -2.06 -9.29 -19.95
N PHE A 185 -2.91 -10.27 -20.24
CA PHE A 185 -4.36 -10.05 -20.38
C PHE A 185 -5.08 -10.58 -19.16
N THR A 186 -6.15 -9.91 -18.74
CA THR A 186 -7.01 -10.45 -17.70
C THR A 186 -8.14 -11.20 -18.39
N ILE A 187 -8.40 -12.42 -17.95
CA ILE A 187 -9.51 -13.22 -18.43
C ILE A 187 -10.65 -12.95 -17.46
N GLU A 188 -11.82 -12.59 -17.99
CA GLU A 188 -13.01 -12.26 -17.17
C GLU A 188 -14.18 -13.13 -17.63
N ASP A 189 -15.15 -13.35 -16.74
CA ASP A 189 -16.29 -14.22 -17.04
C ASP A 189 -17.40 -13.38 -17.68
N GLU A 190 -18.61 -13.96 -17.79
CA GLU A 190 -19.75 -13.28 -18.47
C GLU A 190 -20.25 -12.03 -17.74
N GLU A 191 -19.99 -11.92 -16.43
CA GLU A 191 -20.30 -10.72 -15.66
C GLU A 191 -19.07 -9.83 -15.46
N LEU A 192 -18.05 -10.06 -16.28
CA LEU A 192 -16.72 -9.43 -16.17
C LEU A 192 -16.05 -9.59 -14.81
N SER A 193 -16.37 -10.68 -14.10
CA SER A 193 -15.67 -10.99 -12.86
C SER A 193 -14.24 -11.48 -13.22
N HIS A 194 -13.23 -11.12 -12.43
CA HIS A 194 -11.84 -11.53 -12.74
C HIS A 194 -11.65 -13.05 -12.58
N LEU A 195 -11.27 -13.75 -13.66
CA LEU A 195 -10.99 -15.19 -13.57
C LEU A 195 -9.51 -15.55 -13.46
N GLY A 196 -8.66 -14.69 -14.01
CA GLY A 196 -7.27 -15.04 -14.15
C GLY A 196 -6.51 -14.12 -15.08
N SER A 197 -5.26 -14.50 -15.32
CA SER A 197 -4.29 -13.73 -16.12
C SER A 197 -3.65 -14.65 -17.11
N ALA A 198 -3.29 -14.12 -18.27
CA ALA A 198 -2.69 -14.94 -19.31
C ALA A 198 -1.87 -14.15 -20.33
N ILE A 199 -1.04 -14.90 -21.06
CA ILE A 199 -0.20 -14.35 -22.11
C ILE A 199 -0.76 -14.86 -23.44
N PHE A 200 -1.10 -13.91 -24.31
CA PHE A 200 -1.60 -14.18 -25.66
C PHE A 200 -0.78 -13.38 -26.67
N PRO A 201 0.36 -13.94 -27.09
CA PRO A 201 1.31 -13.13 -27.85
C PRO A 201 0.77 -12.57 -29.14
N ASP A 202 0.11 -13.41 -29.94
CA ASP A 202 -0.43 -12.89 -31.20
C ASP A 202 -1.52 -11.83 -30.99
N VAL A 203 -2.28 -11.95 -29.90
CA VAL A 203 -3.25 -10.91 -29.53
C VAL A 203 -2.55 -9.59 -29.17
N ALA A 204 -1.41 -9.69 -28.48
CA ALA A 204 -0.59 -8.51 -28.12
C ALA A 204 -0.02 -7.72 -29.31
N LEU A 205 -0.06 -8.30 -30.51
CA LEU A 205 0.44 -7.61 -31.71
C LEU A 205 -0.48 -6.45 -32.12
N MET A 206 -1.77 -6.58 -31.86
CA MET A 206 -2.71 -5.58 -32.31
C MET A 206 -2.47 -4.20 -31.66
N ASN A 207 -2.56 -3.18 -32.51
CA ASN A 207 -2.47 -1.81 -32.04
C ASN A 207 -3.81 -1.34 -31.48
N HIS A 208 -3.75 -0.19 -30.82
CA HIS A 208 -4.86 0.40 -30.11
C HIS A 208 -5.56 1.46 -30.94
N SER A 209 -6.90 1.48 -30.88
CA SER A 209 -7.74 2.61 -31.23
C SER A 209 -8.89 2.74 -30.22
N CYS A 210 -9.37 3.97 -30.02
CA CYS A 210 -10.61 4.19 -29.24
C CYS A 210 -11.92 3.93 -30.02
N CYS A 211 -11.84 3.72 -31.33
N CYS A 211 -11.81 3.72 -31.33
CA CYS A 211 -12.92 3.11 -32.11
CA CYS A 211 -12.87 3.15 -32.15
C CYS A 211 -12.38 1.81 -32.71
C CYS A 211 -12.37 1.83 -32.72
N PRO A 212 -12.22 0.80 -31.86
CA PRO A 212 -11.61 -0.44 -32.32
C PRO A 212 -12.52 -1.19 -33.29
N ASN A 213 -11.94 -2.03 -34.13
CA ASN A 213 -12.76 -2.91 -35.00
C ASN A 213 -12.81 -4.37 -34.54
N VAL A 214 -12.17 -4.72 -33.44
CA VAL A 214 -12.29 -6.07 -32.91
C VAL A 214 -12.45 -6.01 -31.42
N ILE A 215 -12.90 -7.13 -30.87
CA ILE A 215 -13.06 -7.31 -29.44
C ILE A 215 -12.43 -8.66 -29.09
N VAL A 216 -11.78 -8.76 -27.94
CA VAL A 216 -11.14 -9.97 -27.47
C VAL A 216 -12.06 -10.56 -26.40
N THR A 217 -12.40 -11.84 -26.55
CA THR A 217 -13.13 -12.61 -25.54
C THR A 217 -12.44 -13.92 -25.34
N TYR A 218 -12.92 -14.69 -24.37
CA TYR A 218 -12.24 -15.93 -23.94
C TYR A 218 -13.18 -17.12 -23.91
N LYS A 219 -12.71 -18.25 -24.41
CA LYS A 219 -13.46 -19.51 -24.34
C LYS A 219 -12.52 -20.44 -23.59
N GLY A 220 -12.76 -20.54 -22.28
CA GLY A 220 -11.80 -21.19 -21.37
C GLY A 220 -10.55 -20.29 -21.32
N THR A 221 -9.41 -20.86 -21.66
CA THR A 221 -8.15 -20.11 -21.74
C THR A 221 -7.79 -19.69 -23.16
N LEU A 222 -8.71 -19.90 -24.12
CA LEU A 222 -8.49 -19.55 -25.51
C LEU A 222 -8.98 -18.14 -25.74
N ALA A 223 -8.10 -17.25 -26.23
CA ALA A 223 -8.54 -15.91 -26.62
C ALA A 223 -9.14 -16.00 -28.00
N GLU A 224 -10.23 -15.28 -28.23
CA GLU A 224 -10.84 -15.24 -29.56
C GLU A 224 -10.97 -13.77 -29.95
N VAL A 225 -10.71 -13.46 -31.21
CA VAL A 225 -10.75 -12.09 -31.72
C VAL A 225 -11.82 -11.98 -32.79
N ARG A 226 -12.88 -11.22 -32.49
CA ARG A 226 -14.02 -11.05 -33.39
C ARG A 226 -14.23 -9.62 -33.84
N ALA A 227 -14.64 -9.47 -35.10
CA ALA A 227 -14.91 -8.15 -35.63
C ALA A 227 -16.15 -7.52 -35.00
N VAL A 228 -16.04 -6.26 -34.63
CA VAL A 228 -17.20 -5.45 -34.16
C VAL A 228 -17.55 -4.30 -35.11
N GLN A 229 -16.81 -4.18 -36.21
CA GLN A 229 -17.18 -3.35 -37.34
C GLN A 229 -16.77 -4.14 -38.57
N GLU A 230 -17.29 -3.77 -39.72
CA GLU A 230 -16.81 -4.32 -40.99
C GLU A 230 -15.31 -4.04 -41.15
N ILE A 231 -14.54 -5.00 -41.64
CA ILE A 231 -13.10 -4.79 -41.89
C ILE A 231 -12.84 -5.16 -43.34
N LYS A 232 -12.27 -4.22 -44.08
CA LYS A 232 -11.92 -4.43 -45.49
C LYS A 232 -10.47 -4.90 -45.64
N PRO A 233 -10.18 -5.60 -46.76
CA PRO A 233 -8.80 -5.97 -47.07
C PRO A 233 -7.87 -4.75 -47.04
N GLY A 234 -6.66 -4.93 -46.51
CA GLY A 234 -5.74 -3.82 -46.29
C GLY A 234 -5.93 -3.00 -45.01
N GLU A 235 -7.06 -3.14 -44.32
CA GLU A 235 -7.28 -2.31 -43.16
C GLU A 235 -6.57 -2.89 -41.93
N GLU A 236 -6.05 -2.00 -41.10
CA GLU A 236 -5.49 -2.42 -39.82
C GLU A 236 -6.58 -2.94 -38.84
N VAL A 237 -6.22 -3.98 -38.10
CA VAL A 237 -7.07 -4.55 -37.07
C VAL A 237 -6.68 -3.87 -35.75
N PHE A 238 -7.62 -3.13 -35.16
CA PHE A 238 -7.42 -2.40 -33.93
C PHE A 238 -8.28 -2.97 -32.79
N THR A 239 -7.62 -3.18 -31.65
CA THR A 239 -8.28 -3.51 -30.40
C THR A 239 -8.24 -2.24 -29.52
N SER A 240 -8.94 -2.24 -28.38
CA SER A 240 -8.76 -1.19 -27.38
C SER A 240 -7.99 -1.73 -26.17
N TYR A 241 -7.04 -0.95 -25.68
CA TYR A 241 -6.24 -1.30 -24.54
C TYR A 241 -6.87 -0.74 -23.28
N ILE A 242 -7.82 0.20 -23.42
CA ILE A 242 -8.33 0.95 -22.27
CA ILE A 242 -8.33 0.94 -22.27
C ILE A 242 -9.86 0.93 -22.24
N ASP A 243 -10.41 1.42 -21.14
CA ASP A 243 -11.84 1.52 -20.94
C ASP A 243 -12.38 2.70 -21.72
N LEU A 244 -13.28 2.42 -22.66
CA LEU A 244 -13.74 3.42 -23.59
C LEU A 244 -14.86 4.33 -23.03
N LEU A 245 -15.30 4.11 -21.79
CA LEU A 245 -16.33 4.97 -21.22
C LEU A 245 -15.87 6.44 -21.12
N TYR A 246 -14.59 6.66 -20.83
CA TYR A 246 -14.14 7.95 -20.34
C TYR A 246 -13.70 8.89 -21.45
N PRO A 247 -13.61 10.20 -21.15
CA PRO A 247 -13.27 11.12 -22.23
C PRO A 247 -11.81 11.06 -22.64
N THR A 248 -11.51 11.82 -23.69
CA THR A 248 -10.23 11.75 -24.36
C THR A 248 -9.04 11.88 -23.39
N GLU A 249 -9.05 12.88 -22.50
CA GLU A 249 -7.89 13.07 -21.62
C GLU A 249 -7.68 11.88 -20.70
N ASP A 250 -8.77 11.36 -20.15
CA ASP A 250 -8.70 10.20 -19.23
C ASP A 250 -8.15 8.99 -19.97
N ARG A 251 -8.65 8.74 -21.17
CA ARG A 251 -8.22 7.61 -21.99
C ARG A 251 -6.70 7.66 -22.22
N ASN A 252 -6.25 8.84 -22.65
CA ASN A 252 -4.85 9.07 -22.93
C ASN A 252 -3.94 9.07 -21.70
N ASP A 253 -4.46 9.52 -20.57
CA ASP A 253 -3.74 9.39 -19.28
C ASP A 253 -3.51 7.91 -18.96
N ARG A 254 -4.53 7.09 -19.22
CA ARG A 254 -4.43 5.66 -19.00
C ARG A 254 -3.44 5.01 -19.94
N LEU A 255 -3.47 5.41 -21.20
CA LEU A 255 -2.52 4.86 -22.17
C LEU A 255 -1.10 5.23 -21.80
N ARG A 256 -0.91 6.49 -21.41
CA ARG A 256 0.41 6.99 -21.02
C ARG A 256 0.94 6.24 -19.81
N ASP A 257 0.10 6.05 -18.79
CA ASP A 257 0.47 5.37 -17.55
C ASP A 257 1.05 4.00 -17.77
N SER A 258 0.41 3.22 -18.65
CA SER A 258 0.79 1.82 -18.86
C SER A 258 1.68 1.57 -20.05
N TYR A 259 1.47 2.31 -21.15
CA TYR A 259 2.12 2.01 -22.43
C TYR A 259 2.96 3.18 -22.98
N PHE A 260 2.95 4.33 -22.31
CA PHE A 260 3.81 5.45 -22.67
C PHE A 260 3.61 5.87 -24.11
N PHE A 261 2.36 5.93 -24.54
CA PHE A 261 2.01 6.56 -25.79
C PHE A 261 0.65 7.21 -25.67
N THR A 262 0.35 8.10 -26.61
CA THR A 262 -0.94 8.78 -26.70
C THR A 262 -1.59 8.39 -28.01
N CYS A 263 -2.93 8.37 -28.02
CA CYS A 263 -3.70 7.88 -29.17
C CYS A 263 -3.93 8.99 -30.18
N GLU A 264 -4.05 8.60 -31.45
CA GLU A 264 -4.28 9.52 -32.57
C GLU A 264 -5.51 9.17 -33.38
N CYS A 265 -6.36 8.28 -32.86
CA CYS A 265 -7.59 7.91 -33.58
C CYS A 265 -8.57 9.08 -33.79
N GLN A 266 -9.61 8.84 -34.56
CA GLN A 266 -10.60 9.88 -34.86
C GLN A 266 -11.26 10.42 -33.59
N GLU A 267 -11.60 9.53 -32.65
CA GLU A 267 -12.24 9.96 -31.39
C GLU A 267 -11.35 10.93 -30.60
N CYS A 268 -10.05 10.63 -30.56
CA CYS A 268 -9.09 11.44 -29.81
C CYS A 268 -8.71 12.75 -30.50
N THR A 269 -8.62 12.73 -31.83
CA THR A 269 -8.31 13.90 -32.66
C THR A 269 -9.42 14.95 -32.53
N THR A 270 -10.64 14.52 -32.83
CA THR A 270 -11.79 15.41 -32.84
C THR A 270 -12.30 15.71 -31.44
N LYS A 271 -12.23 14.73 -30.52
CA LYS A 271 -12.89 14.80 -29.20
C LYS A 271 -14.40 14.98 -29.29
N ASP A 272 -15.00 14.50 -30.38
CA ASP A 272 -16.41 14.74 -30.64
C ASP A 272 -17.33 14.25 -29.54
N LYS A 273 -16.96 13.18 -28.82
CA LYS A 273 -17.83 12.65 -27.77
C LYS A 273 -17.44 13.09 -26.36
N ASP A 274 -16.46 13.96 -26.21
CA ASP A 274 -16.12 14.46 -24.88
C ASP A 274 -17.29 15.19 -24.21
N LYS A 275 -18.01 16.01 -24.98
CA LYS A 275 -19.12 16.81 -24.41
C LYS A 275 -20.27 15.91 -23.93
N ALA A 276 -20.67 14.97 -24.78
CA ALA A 276 -21.72 14.02 -24.42
C ALA A 276 -21.35 13.13 -23.23
N LYS A 277 -20.08 12.77 -23.10
CA LYS A 277 -19.61 11.95 -21.98
C LYS A 277 -19.60 12.76 -20.69
N VAL A 278 -19.12 14.00 -20.75
CA VAL A 278 -19.12 14.87 -19.59
C VAL A 278 -20.36 15.77 -19.68
N GLU A 279 -21.54 15.14 -19.70
CA GLU A 279 -22.81 15.82 -19.97
C GLU A 279 -23.07 16.80 -18.83
N ILE A 280 -23.21 18.06 -19.18
CA ILE A 280 -23.42 19.14 -18.22
C ILE A 280 -24.92 19.38 -18.18
N ARG A 281 -25.44 19.60 -16.97
CA ARG A 281 -26.84 19.99 -16.75
C ARG A 281 -27.23 21.24 -17.52
N LYS A 282 -28.44 21.24 -18.10
CA LYS A 282 -29.02 22.43 -18.75
C LYS A 282 -29.54 23.43 -17.71
N LEU A 283 -28.63 24.15 -17.06
CA LEU A 283 -28.98 25.10 -16.00
C LEU A 283 -29.49 26.41 -16.59
N SER A 284 -29.97 27.29 -15.71
CA SER A 284 -30.40 28.63 -16.09
C SER A 284 -29.16 29.43 -16.44
N ASP A 285 -28.25 29.53 -15.46
CA ASP A 285 -26.91 30.06 -15.68
C ASP A 285 -26.01 28.91 -16.16
N PRO A 286 -25.43 29.02 -17.37
CA PRO A 286 -24.40 28.05 -17.75
C PRO A 286 -23.20 28.08 -16.79
N PRO A 287 -22.65 26.91 -16.42
CA PRO A 287 -21.43 26.92 -15.59
C PRO A 287 -20.16 27.39 -16.34
N LYS A 288 -19.14 27.79 -15.57
CA LYS A 288 -17.88 28.31 -16.12
C LYS A 288 -16.80 27.23 -16.09
N ALA A 289 -15.90 27.28 -17.08
CA ALA A 289 -14.86 26.26 -17.29
C ALA A 289 -14.02 25.91 -16.04
N GLU A 290 -13.80 26.87 -15.13
CA GLU A 290 -13.11 26.59 -13.85
C GLU A 290 -13.88 25.61 -12.96
N ALA A 291 -15.21 25.71 -13.02
CA ALA A 291 -16.12 24.85 -12.29
C ALA A 291 -16.25 23.46 -12.93
N ILE A 292 -16.22 23.40 -14.27
CA ILE A 292 -16.20 22.13 -15.01
C ILE A 292 -14.87 21.44 -14.72
N ARG A 293 -13.78 22.15 -14.98
CA ARG A 293 -12.43 21.66 -14.71
C ARG A 293 -12.31 21.17 -13.27
N ASP A 294 -12.82 21.95 -12.32
CA ASP A 294 -12.77 21.57 -10.90
C ASP A 294 -13.58 20.29 -10.59
N MET A 295 -14.75 20.15 -11.19
CA MET A 295 -15.61 18.97 -10.94
C MET A 295 -15.02 17.72 -11.63
N VAL A 296 -14.40 17.89 -12.80
CA VAL A 296 -13.72 16.79 -13.49
C VAL A 296 -12.58 16.27 -12.62
N ARG A 297 -11.73 17.18 -12.15
CA ARG A 297 -10.66 16.83 -11.23
C ARG A 297 -11.21 16.13 -9.99
N TYR A 298 -12.25 16.70 -9.39
CA TYR A 298 -12.89 16.06 -8.22
C TYR A 298 -13.29 14.62 -8.56
N ALA A 299 -14.09 14.46 -9.61
CA ALA A 299 -14.59 13.16 -10.05
C ALA A 299 -13.48 12.12 -10.18
N ARG A 300 -12.42 12.51 -10.90
CA ARG A 300 -11.31 11.60 -11.16
C ARG A 300 -10.61 11.20 -9.87
N ASN A 301 -10.45 12.17 -8.96
CA ASN A 301 -9.85 11.90 -7.65
C ASN A 301 -10.73 10.99 -6.80
N VAL A 302 -12.05 11.20 -6.85
CA VAL A 302 -12.96 10.35 -6.05
C VAL A 302 -12.97 8.91 -6.55
N ILE A 303 -12.99 8.76 -7.88
CA ILE A 303 -12.91 7.45 -8.51
C ILE A 303 -11.69 6.70 -7.97
N GLU A 304 -10.54 7.36 -7.98
CA GLU A 304 -9.28 6.79 -7.53
C GLU A 304 -9.27 6.52 -6.00
N GLU A 305 -9.80 7.46 -5.23
CA GLU A 305 -9.95 7.26 -3.78
C GLU A 305 -10.90 6.11 -3.47
N PHE A 306 -11.98 5.97 -4.24
CA PHE A 306 -12.90 4.85 -4.06
C PHE A 306 -12.23 3.51 -4.36
N ARG A 307 -11.46 3.45 -5.46
CA ARG A 307 -10.63 2.28 -5.80
C ARG A 307 -9.86 1.75 -4.57
N ARG A 308 -9.16 2.65 -3.89
CA ARG A 308 -8.43 2.30 -2.65
C ARG A 308 -9.36 1.98 -1.48
N ALA A 309 -10.36 2.82 -1.25
CA ALA A 309 -11.33 2.59 -0.18
C ALA A 309 -11.97 1.19 -0.22
N LYS A 310 -12.14 0.62 -1.42
CA LYS A 310 -12.71 -0.73 -1.59
C LYS A 310 -12.02 -1.80 -0.74
N HIS A 311 -10.73 -1.61 -0.48
CA HIS A 311 -9.93 -2.59 0.24
C HIS A 311 -10.12 -2.52 1.75
N TYR A 312 -10.24 -1.31 2.32
CA TYR A 312 -10.34 -1.17 3.78
C TYR A 312 -11.69 -0.74 4.38
N LYS A 313 -12.51 0.05 3.66
CA LYS A 313 -13.81 0.52 4.20
C LYS A 313 -14.87 -0.59 4.22
N SER A 314 -15.96 -0.35 4.96
CA SER A 314 -17.11 -1.27 5.01
C SER A 314 -18.08 -0.99 3.85
N PRO A 315 -18.99 -1.94 3.55
CA PRO A 315 -19.96 -1.69 2.49
C PRO A 315 -20.82 -0.43 2.69
N SER A 316 -21.31 -0.18 3.91
CA SER A 316 -22.14 1.01 4.16
C SER A 316 -21.32 2.29 3.99
N GLU A 317 -20.03 2.26 4.36
CA GLU A 317 -19.15 3.41 4.11
C GLU A 317 -18.89 3.64 2.62
N LEU A 318 -18.78 2.55 1.86
CA LEU A 318 -18.59 2.64 0.41
C LEU A 318 -19.81 3.24 -0.30
N LEU A 319 -21.01 2.79 0.07
CA LEU A 319 -22.25 3.38 -0.45
C LEU A 319 -22.36 4.87 -0.13
N GLU A 320 -21.98 5.25 1.09
CA GLU A 320 -21.97 6.66 1.50
C GLU A 320 -21.06 7.51 0.59
N ILE A 321 -19.88 6.99 0.27
CA ILE A 321 -18.97 7.67 -0.68
C ILE A 321 -19.62 7.85 -2.06
N CYS A 322 -20.25 6.79 -2.58
CA CYS A 322 -20.94 6.86 -3.88
C CYS A 322 -22.08 7.87 -3.85
N GLU A 323 -22.85 7.87 -2.76
CA GLU A 323 -23.99 8.77 -2.62
C GLU A 323 -23.53 10.23 -2.51
N LEU A 324 -22.52 10.47 -1.67
CA LEU A 324 -21.98 11.82 -1.47
C LEU A 324 -21.32 12.38 -2.70
N SER A 325 -20.52 11.54 -3.37
CA SER A 325 -19.87 11.91 -4.63
C SER A 325 -20.88 12.38 -5.67
N GLN A 326 -21.99 11.64 -5.81
CA GLN A 326 -23.05 12.00 -6.77
C GLN A 326 -23.80 13.27 -6.37
N GLU A 327 -23.99 13.45 -5.08
CA GLU A 327 -24.59 14.69 -4.57
C GLU A 327 -23.73 15.91 -4.91
N LYS A 328 -22.42 15.83 -4.71
CA LYS A 328 -21.53 16.94 -5.06
C LYS A 328 -21.47 17.15 -6.58
N MET A 329 -21.18 16.07 -7.31
CA MET A 329 -21.08 16.15 -8.76
C MET A 329 -22.32 16.69 -9.44
N SER A 330 -23.51 16.37 -8.90
CA SER A 330 -24.78 16.81 -9.50
C SER A 330 -25.02 18.34 -9.54
N SER A 331 -24.21 19.13 -8.86
CA SER A 331 -24.26 20.60 -9.10
C SER A 331 -24.12 20.93 -10.59
N VAL A 332 -23.17 20.24 -11.23
CA VAL A 332 -22.74 20.48 -12.62
C VAL A 332 -23.12 19.36 -13.62
N PHE A 333 -23.06 18.10 -13.18
CA PHE A 333 -23.23 16.94 -14.06
C PHE A 333 -24.63 16.35 -14.09
N GLU A 334 -25.10 16.00 -15.29
CA GLU A 334 -26.28 15.20 -15.50
C GLU A 334 -26.04 13.74 -15.05
N ASP A 335 -27.10 13.02 -14.71
CA ASP A 335 -26.99 11.59 -14.30
C ASP A 335 -26.38 10.66 -15.36
N SER A 336 -26.51 11.03 -16.63
CA SER A 336 -25.93 10.29 -17.75
C SER A 336 -24.43 10.60 -17.99
N ASN A 337 -23.88 11.54 -17.23
CA ASN A 337 -22.45 11.86 -17.23
C ASN A 337 -21.65 10.63 -16.80
N VAL A 338 -20.58 10.36 -17.51
CA VAL A 338 -19.86 9.08 -17.32
C VAL A 338 -19.27 8.92 -15.91
N TYR A 339 -18.91 10.03 -15.26
CA TYR A 339 -18.37 9.98 -13.90
C TYR A 339 -19.46 9.66 -12.87
N MET A 340 -20.65 10.21 -13.07
CA MET A 340 -21.83 9.84 -12.29
C MET A 340 -22.14 8.35 -12.50
N LEU A 341 -22.11 7.89 -13.74
CA LEU A 341 -22.36 6.47 -14.00
C LEU A 341 -21.35 5.57 -13.31
N HIS A 342 -20.08 5.96 -13.31
CA HIS A 342 -19.05 5.16 -12.62
C HIS A 342 -19.42 4.89 -11.17
N MET A 343 -19.82 5.94 -10.45
CA MET A 343 -20.13 5.82 -9.04
C MET A 343 -21.39 4.99 -8.81
N MET A 344 -22.39 5.14 -9.69
CA MET A 344 -23.59 4.30 -9.60
C MET A 344 -23.23 2.84 -9.82
N TYR A 345 -22.35 2.59 -10.80
CA TYR A 345 -21.83 1.26 -11.10
C TYR A 345 -21.13 0.68 -9.87
N GLN A 346 -20.31 1.49 -9.22
CA GLN A 346 -19.68 1.05 -7.97
C GLN A 346 -20.70 0.75 -6.85
N ALA A 347 -21.72 1.59 -6.71
CA ALA A 347 -22.76 1.38 -5.69
C ALA A 347 -23.52 0.11 -5.97
N MET A 348 -23.85 -0.14 -7.25
CA MET A 348 -24.42 -1.42 -7.68
C MET A 348 -23.53 -2.60 -7.22
N GLY A 349 -22.22 -2.48 -7.39
CA GLY A 349 -21.30 -3.53 -6.94
C GLY A 349 -21.41 -3.82 -5.44
N VAL A 350 -21.41 -2.76 -4.64
CA VAL A 350 -21.60 -2.89 -3.19
C VAL A 350 -22.92 -3.58 -2.83
N CYS A 351 -24.02 -3.23 -3.50
CA CYS A 351 -25.31 -3.90 -3.22
C CYS A 351 -25.28 -5.41 -3.52
N LEU A 352 -24.70 -5.80 -4.66
CA LEU A 352 -24.54 -7.20 -5.02
C LEU A 352 -23.71 -7.98 -3.99
N TYR A 353 -22.63 -7.35 -3.50
CA TYR A 353 -21.81 -7.88 -2.41
C TYR A 353 -22.59 -8.09 -1.10
N MET A 354 -23.42 -7.11 -0.72
CA MET A 354 -24.31 -7.25 0.45
C MET A 354 -25.49 -8.21 0.21
N GLN A 355 -25.66 -8.70 -1.03
CA GLN A 355 -26.82 -9.48 -1.45
C GLN A 355 -28.14 -8.70 -1.34
N ASP A 356 -28.02 -7.36 -1.41
CA ASP A 356 -29.17 -6.46 -1.54
C ASP A 356 -29.56 -6.48 -3.01
N TRP A 357 -30.39 -7.46 -3.37
CA TRP A 357 -30.74 -7.68 -4.77
C TRP A 357 -31.67 -6.59 -5.34
N GLU A 358 -32.58 -6.06 -4.51
CA GLU A 358 -33.49 -4.99 -4.96
C GLU A 358 -32.73 -3.69 -5.21
N GLY A 359 -31.83 -3.32 -4.30
CA GLY A 359 -30.99 -2.11 -4.45
C GLY A 359 -30.05 -2.12 -5.66
N ALA A 360 -29.45 -3.29 -5.90
CA ALA A 360 -28.62 -3.53 -7.09
C ALA A 360 -29.40 -3.34 -8.39
N LEU A 361 -30.62 -3.88 -8.43
CA LEU A 361 -31.53 -3.71 -9.56
C LEU A 361 -31.86 -2.25 -9.79
N GLN A 362 -32.17 -1.52 -8.71
CA GLN A 362 -32.45 -0.08 -8.79
C GLN A 362 -31.29 0.68 -9.49
N TYR A 363 -30.07 0.53 -8.98
CA TYR A 363 -28.89 1.15 -9.64
C TYR A 363 -28.72 0.74 -11.12
N GLY A 364 -28.76 -0.57 -11.38
CA GLY A 364 -28.67 -1.09 -12.73
C GLY A 364 -29.67 -0.51 -13.69
N GLN A 365 -30.91 -0.35 -13.22
CA GLN A 365 -31.97 0.25 -14.03
C GLN A 365 -31.66 1.69 -14.44
N LYS A 366 -31.01 2.43 -13.54
CA LYS A 366 -30.57 3.82 -13.77
C LYS A 366 -29.33 3.92 -14.65
N ILE A 367 -28.44 2.93 -14.56
CA ILE A 367 -27.21 2.93 -15.35
C ILE A 367 -27.47 2.62 -16.84
N ILE A 368 -28.25 1.57 -17.11
CA ILE A 368 -28.15 0.82 -18.37
C ILE A 368 -28.30 1.64 -19.67
N LYS A 369 -29.32 2.48 -19.79
CA LYS A 369 -29.56 3.16 -21.06
C LYS A 369 -28.47 4.18 -21.41
N PRO A 370 -28.11 5.09 -20.48
CA PRO A 370 -26.98 5.97 -20.82
C PRO A 370 -25.64 5.25 -20.98
N TYR A 371 -25.39 4.29 -20.10
CA TYR A 371 -24.21 3.41 -20.18
C TYR A 371 -24.10 2.78 -21.57
N SER A 372 -25.23 2.28 -22.10
CA SER A 372 -25.21 1.69 -23.44
C SER A 372 -24.95 2.70 -24.55
N LYS A 373 -25.45 3.93 -24.41
N LYS A 373 -25.44 3.93 -24.38
CA LYS A 373 -25.16 4.99 -25.37
CA LYS A 373 -25.21 5.03 -25.31
C LYS A 373 -23.67 5.38 -25.41
C LYS A 373 -23.75 5.54 -25.35
N HIS A 374 -23.02 5.41 -24.25
CA HIS A 374 -21.63 5.88 -24.18
C HIS A 374 -20.59 4.87 -24.68
N TYR A 375 -20.86 3.58 -24.54
CA TYR A 375 -19.93 2.55 -25.02
C TYR A 375 -20.23 2.22 -26.48
N PRO A 376 -19.25 1.62 -27.20
CA PRO A 376 -19.57 1.16 -28.58
C PRO A 376 -20.64 0.08 -28.57
N LEU A 377 -21.12 -0.30 -29.75
CA LEU A 377 -22.32 -1.16 -29.88
C LEU A 377 -22.22 -2.53 -29.21
N TYR A 378 -21.07 -3.16 -29.36
CA TYR A 378 -20.87 -4.52 -28.84
C TYR A 378 -19.94 -4.61 -27.62
N SER A 379 -20.05 -3.64 -26.74
CA SER A 379 -19.30 -3.61 -25.48
C SER A 379 -19.67 -4.76 -24.54
N LEU A 380 -18.64 -5.49 -24.07
CA LEU A 380 -18.81 -6.48 -23.01
C LEU A 380 -19.26 -5.85 -21.71
N ASN A 381 -18.87 -4.59 -21.45
CA ASN A 381 -19.34 -3.85 -20.27
C ASN A 381 -20.87 -3.75 -20.27
N VAL A 382 -21.41 -3.44 -21.45
CA VAL A 382 -22.85 -3.32 -21.64
C VAL A 382 -23.51 -4.68 -21.56
N ALA A 383 -22.95 -5.67 -22.22
CA ALA A 383 -23.50 -7.03 -22.17
C ALA A 383 -23.58 -7.56 -20.72
N SER A 384 -22.48 -7.37 -19.98
CA SER A 384 -22.39 -7.73 -18.56
C SER A 384 -23.46 -7.05 -17.69
N MET A 385 -23.69 -5.76 -17.93
CA MET A 385 -24.70 -5.01 -17.20
C MET A 385 -26.10 -5.55 -17.47
N TRP A 386 -26.43 -5.79 -18.74
CA TRP A 386 -27.70 -6.43 -19.10
C TRP A 386 -27.86 -7.81 -18.45
N LEU A 387 -26.77 -8.57 -18.39
CA LEU A 387 -26.80 -9.90 -17.82
C LEU A 387 -27.11 -9.87 -16.35
N LYS A 388 -26.48 -8.93 -15.64
CA LYS A 388 -26.74 -8.74 -14.23
C LYS A 388 -28.20 -8.34 -13.97
N LEU A 389 -28.69 -7.35 -14.74
CA LEU A 389 -30.11 -6.99 -14.70
C LEU A 389 -31.03 -8.21 -14.95
N GLY A 390 -30.76 -8.96 -16.01
CA GLY A 390 -31.49 -10.15 -16.37
C GLY A 390 -31.59 -11.13 -15.22
N ARG A 391 -30.45 -11.43 -14.61
CA ARG A 391 -30.38 -12.38 -13.49
C ARG A 391 -31.06 -11.85 -12.23
N LEU A 392 -30.96 -10.54 -12.01
CA LEU A 392 -31.63 -9.91 -10.88
C LEU A 392 -33.16 -10.01 -11.06
N TYR A 393 -33.63 -9.61 -12.24
CA TYR A 393 -35.03 -9.73 -12.62
C TYR A 393 -35.58 -11.14 -12.47
N MET A 394 -34.85 -12.13 -13.00
CA MET A 394 -35.30 -13.52 -12.94
C MET A 394 -35.44 -14.06 -11.52
N GLY A 395 -34.45 -13.74 -10.68
CA GLY A 395 -34.49 -14.11 -9.26
C GLY A 395 -35.67 -13.52 -8.51
N LEU A 396 -36.15 -12.35 -8.93
CA LEU A 396 -37.31 -11.69 -8.33
C LEU A 396 -38.65 -11.98 -9.05
N GLU A 397 -38.65 -12.99 -9.92
CA GLU A 397 -39.81 -13.39 -10.74
C GLU A 397 -40.43 -12.30 -11.61
N HIS A 398 -39.60 -11.35 -12.06
CA HIS A 398 -39.96 -10.42 -13.11
C HIS A 398 -39.52 -11.03 -14.44
N LYS A 399 -40.33 -11.97 -14.92
CA LYS A 399 -39.97 -12.84 -16.05
C LYS A 399 -39.81 -12.12 -17.38
N ALA A 400 -40.78 -11.29 -17.73
CA ALA A 400 -40.74 -10.57 -19.00
C ALA A 400 -39.55 -9.59 -19.03
N ALA A 401 -39.33 -8.86 -17.95
CA ALA A 401 -38.19 -7.96 -17.88
C ALA A 401 -36.86 -8.75 -17.90
N GLY A 402 -36.84 -9.88 -17.19
CA GLY A 402 -35.69 -10.79 -17.15
C GLY A 402 -35.34 -11.38 -18.50
N GLU A 403 -36.34 -11.93 -19.19
CA GLU A 403 -36.16 -12.43 -20.56
C GLU A 403 -35.58 -11.36 -21.48
N LYS A 404 -36.10 -10.14 -21.32
CA LYS A 404 -35.75 -9.03 -22.20
C LYS A 404 -34.28 -8.64 -21.97
N ALA A 405 -33.87 -8.52 -20.71
CA ALA A 405 -32.50 -8.15 -20.36
C ALA A 405 -31.48 -9.24 -20.73
N LEU A 406 -31.83 -10.49 -20.47
CA LEU A 406 -31.00 -11.62 -20.90
C LEU A 406 -30.83 -11.70 -22.42
N LYS A 407 -31.89 -11.38 -23.16
CA LYS A 407 -31.81 -11.35 -24.63
C LYS A 407 -30.96 -10.18 -25.15
N LYS A 408 -30.96 -9.05 -24.45
CA LYS A 408 -30.07 -7.94 -24.81
C LYS A 408 -28.59 -8.33 -24.63
N ALA A 409 -28.32 -9.07 -23.57
CA ALA A 409 -26.97 -9.61 -23.33
C ALA A 409 -26.58 -10.58 -24.43
N ILE A 410 -27.47 -11.52 -24.74
CA ILE A 410 -27.24 -12.51 -25.80
C ILE A 410 -26.96 -11.82 -27.14
N ALA A 411 -27.72 -10.79 -27.46
CA ALA A 411 -27.51 -10.04 -28.71
C ALA A 411 -26.05 -9.54 -28.86
N ILE A 412 -25.47 -8.98 -27.80
CA ILE A 412 -24.09 -8.50 -27.84
C ILE A 412 -23.14 -9.69 -27.87
N MET A 413 -23.39 -10.66 -27.00
CA MET A 413 -22.48 -11.79 -26.84
C MET A 413 -22.41 -12.67 -28.06
N GLU A 414 -23.52 -12.81 -28.78
CA GLU A 414 -23.49 -13.58 -30.03
C GLU A 414 -22.47 -13.01 -31.02
N VAL A 415 -22.33 -11.69 -31.06
CA VAL A 415 -21.34 -11.04 -31.92
C VAL A 415 -19.93 -11.15 -31.33
N ALA A 416 -19.81 -10.89 -30.04
CA ALA A 416 -18.51 -10.80 -29.37
C ALA A 416 -17.91 -12.16 -29.03
N HIS A 417 -18.75 -13.08 -28.54
CA HIS A 417 -18.30 -14.42 -28.18
C HIS A 417 -18.53 -15.48 -29.24
N GLY A 418 -19.36 -15.18 -30.25
CA GLY A 418 -19.73 -16.16 -31.25
C GLY A 418 -21.00 -16.87 -30.81
N LYS A 419 -21.79 -17.34 -31.76
CA LYS A 419 -23.14 -17.86 -31.46
C LYS A 419 -23.13 -19.16 -30.65
N ASP A 420 -22.08 -19.97 -30.84
CA ASP A 420 -21.97 -21.26 -30.20
C ASP A 420 -21.18 -21.22 -28.88
N HIS A 421 -20.90 -20.03 -28.34
CA HIS A 421 -20.14 -19.96 -27.10
C HIS A 421 -20.96 -20.57 -25.94
N PRO A 422 -20.30 -21.33 -25.04
CA PRO A 422 -20.91 -21.88 -23.82
C PRO A 422 -21.77 -20.91 -23.01
N TYR A 423 -21.27 -19.72 -22.69
CA TYR A 423 -22.07 -18.66 -22.04
C TYR A 423 -23.47 -18.42 -22.63
N ILE A 424 -23.57 -18.49 -23.95
CA ILE A 424 -24.85 -18.24 -24.62
C ILE A 424 -25.83 -19.41 -24.41
N SER A 425 -25.31 -20.63 -24.51
CA SER A 425 -26.09 -21.84 -24.20
C SER A 425 -26.56 -21.77 -22.77
N GLU A 426 -25.68 -21.33 -21.88
CA GLU A 426 -26.04 -21.16 -20.49
C GLU A 426 -27.12 -20.11 -20.28
N ILE A 427 -27.00 -18.96 -20.95
CA ILE A 427 -27.99 -17.90 -20.75
C ILE A 427 -29.34 -18.26 -21.40
N LYS A 428 -29.32 -18.87 -22.57
CA LYS A 428 -30.55 -19.39 -23.20
C LYS A 428 -31.32 -20.39 -22.31
N GLN A 429 -30.59 -21.28 -21.62
CA GLN A 429 -31.18 -22.14 -20.58
C GLN A 429 -31.77 -21.39 -19.39
N GLU A 430 -31.17 -20.24 -19.02
CA GLU A 430 -31.75 -19.36 -17.98
C GLU A 430 -33.09 -18.73 -18.37
N ILE A 431 -33.26 -18.48 -19.67
CA ILE A 431 -34.54 -17.98 -20.20
C ILE A 431 -35.54 -19.12 -20.24
N GLU A 432 -35.15 -20.25 -20.82
CA GLU A 432 -35.97 -21.48 -20.81
C GLU A 432 -36.03 -22.06 -19.38
N SER A 433 -36.53 -21.25 -18.44
CA SER A 433 -36.43 -21.47 -16.99
C SER A 433 -36.70 -20.15 -16.26
N GLY B 1 14.65 -9.85 42.86
CA GLY B 1 14.79 -10.49 41.52
C GLY B 1 16.15 -10.20 40.89
N MET B 2 16.25 -10.40 39.58
CA MET B 2 17.53 -10.35 38.87
C MET B 2 18.14 -8.93 38.84
N ARG B 3 19.41 -8.85 39.26
CA ARG B 3 20.19 -7.61 39.25
C ARG B 3 21.45 -7.79 38.44
N ALA B 4 22.08 -6.69 38.01
CA ALA B 4 23.26 -6.80 37.15
C ALA B 4 24.23 -5.63 37.26
N GLU B 5 25.50 -5.94 37.02
CA GLU B 5 26.59 -4.94 36.93
C GLU B 5 26.24 -3.73 36.07
N GLY B 6 26.55 -2.54 36.58
CA GLY B 6 26.20 -1.29 35.92
C GLY B 6 24.76 -0.79 36.09
N LEU B 7 23.89 -1.56 36.76
CA LEU B 7 22.46 -1.21 36.92
C LEU B 7 22.07 -1.12 38.40
N GLY B 8 22.93 -0.46 39.16
CA GLY B 8 22.73 -0.29 40.58
C GLY B 8 21.44 0.41 40.89
N GLY B 9 20.64 -0.26 41.72
CA GLY B 9 19.39 0.29 42.18
C GLY B 9 18.17 -0.13 41.42
N LEU B 10 18.31 -1.12 40.54
CA LEU B 10 17.23 -1.60 39.67
C LEU B 10 17.19 -3.09 39.69
N GLU B 11 16.04 -3.69 39.39
CA GLU B 11 16.00 -5.13 39.28
C GLU B 11 14.87 -5.54 38.39
N ARG B 12 15.01 -6.69 37.76
CA ARG B 12 13.92 -7.30 37.03
C ARG B 12 12.99 -7.99 38.04
N PHE B 13 11.67 -7.93 37.81
CA PHE B 13 10.69 -8.58 38.71
C PHE B 13 9.44 -8.97 37.93
N CYS B 14 8.49 -9.60 38.62
CA CYS B 14 7.18 -9.94 38.07
C CYS B 14 6.20 -8.85 38.42
N SER B 15 5.76 -8.06 37.45
CA SER B 15 4.76 -7.02 37.70
C SER B 15 3.36 -7.65 37.67
N PRO B 16 2.62 -7.59 38.78
CA PRO B 16 1.31 -8.23 38.81
C PRO B 16 0.39 -7.71 37.74
N GLY B 17 -0.17 -8.63 36.99
CA GLY B 17 -1.07 -8.27 35.90
C GLY B 17 -0.40 -7.88 34.60
N LYS B 18 0.92 -7.67 34.61
CA LYS B 18 1.65 -7.13 33.47
C LYS B 18 2.71 -8.06 32.91
N GLY B 19 3.50 -8.72 33.75
CA GLY B 19 4.58 -9.58 33.29
C GLY B 19 5.93 -9.05 33.77
N ARG B 20 7.01 -9.63 33.25
CA ARG B 20 8.36 -9.21 33.61
C ARG B 20 8.49 -7.69 33.46
N GLY B 21 9.14 -7.04 34.44
CA GLY B 21 9.34 -5.62 34.35
C GLY B 21 10.55 -5.21 35.14
N LEU B 22 10.64 -3.90 35.35
CA LEU B 22 11.75 -3.24 36.00
C LEU B 22 11.23 -2.47 37.21
N ARG B 23 11.85 -2.72 38.35
CA ARG B 23 11.53 -2.09 39.63
C ARG B 23 12.76 -1.36 40.21
N ALA B 24 12.52 -0.20 40.83
CA ALA B 24 13.55 0.58 41.49
C ALA B 24 13.77 0.06 42.90
N LEU B 25 15.02 -0.07 43.32
CA LEU B 25 15.34 -0.46 44.69
C LEU B 25 15.86 0.71 45.54
N GLN B 26 16.00 1.88 44.93
CA GLN B 26 16.49 3.08 45.61
C GLN B 26 15.70 4.26 45.06
N PRO B 27 15.72 5.43 45.75
CA PRO B 27 14.99 6.57 45.21
C PRO B 27 15.67 7.16 43.98
N PHE B 28 14.86 7.68 43.07
CA PHE B 28 15.34 8.56 42.00
C PHE B 28 14.54 9.83 42.06
N GLN B 29 15.23 10.95 41.87
CA GLN B 29 14.57 12.24 41.69
C GLN B 29 14.40 12.50 40.22
N VAL B 30 13.58 13.50 39.92
CA VAL B 30 13.35 14.01 38.58
C VAL B 30 14.70 14.42 37.95
N GLY B 31 14.93 13.99 36.72
CA GLY B 31 16.21 14.23 36.06
C GLY B 31 17.28 13.18 36.22
N ASP B 32 17.16 12.27 37.20
CA ASP B 32 18.20 11.24 37.41
C ASP B 32 18.23 10.23 36.28
N LEU B 33 19.44 9.82 35.91
CA LEU B 33 19.62 8.76 34.91
C LEU B 33 19.48 7.46 35.65
N LEU B 34 18.44 6.71 35.34
CA LEU B 34 18.29 5.36 35.92
C LEU B 34 19.32 4.41 35.33
N PHE B 35 19.38 4.33 34.02
CA PHE B 35 20.37 3.53 33.31
C PHE B 35 20.46 3.96 31.85
N SER B 36 21.51 3.52 31.18
CA SER B 36 21.64 3.69 29.74
C SER B 36 21.84 2.29 29.18
N CYS B 37 21.53 2.12 27.90
CA CYS B 37 21.60 0.84 27.25
C CYS B 37 22.20 1.04 25.86
N PRO B 38 23.37 0.44 25.59
CA PRO B 38 23.94 0.52 24.26
C PRO B 38 23.14 -0.30 23.25
N ALA B 39 23.01 0.19 22.02
CA ALA B 39 22.18 -0.49 21.03
C ALA B 39 22.79 -1.86 20.72
N TYR B 40 21.98 -2.89 20.82
CA TYR B 40 22.38 -4.24 20.44
C TYR B 40 22.61 -4.31 18.93
N ALA B 41 21.70 -3.71 18.19
CA ALA B 41 21.81 -3.51 16.74
C ALA B 41 21.08 -2.23 16.40
N TYR B 42 21.50 -1.57 15.32
CA TYR B 42 20.86 -0.32 14.92
C TYR B 42 21.12 0.01 13.45
N VAL B 43 20.26 0.85 12.88
CA VAL B 43 20.45 1.29 11.50
C VAL B 43 19.92 2.72 11.32
N LEU B 44 20.71 3.52 10.62
CA LEU B 44 20.28 4.86 10.21
C LEU B 44 19.30 4.80 9.04
N THR B 45 18.15 5.47 9.17
N THR B 45 18.17 5.49 9.14
CA THR B 45 17.13 5.49 8.11
CA THR B 45 17.20 5.50 8.05
C THR B 45 17.65 6.21 6.86
C THR B 45 17.76 6.18 6.82
N VAL B 46 17.30 5.67 5.68
CA VAL B 46 17.79 6.13 4.36
C VAL B 46 17.63 7.64 4.18
N ASN B 47 16.46 8.19 4.53
CA ASN B 47 16.18 9.64 4.43
C ASN B 47 17.11 10.56 5.25
N GLU B 48 17.80 9.99 6.23
CA GLU B 48 18.70 10.74 7.08
C GLU B 48 20.17 10.54 6.77
N ARG B 49 20.47 9.81 5.68
CA ARG B 49 21.85 9.69 5.22
C ARG B 49 22.35 11.04 4.75
N GLY B 50 23.65 11.27 4.86
CA GLY B 50 24.21 12.49 4.29
C GLY B 50 24.32 13.64 5.25
N ASN B 51 23.43 13.74 6.25
CA ASN B 51 23.69 14.67 7.33
C ASN B 51 23.69 13.97 8.70
N HIS B 52 23.83 12.63 8.70
CA HIS B 52 24.15 11.90 9.93
C HIS B 52 25.20 10.86 9.66
N CYS B 53 26.12 10.71 10.61
CA CYS B 53 27.11 9.67 10.54
C CYS B 53 26.43 8.32 10.79
N GLU B 54 26.68 7.38 9.89
CA GLU B 54 26.09 6.03 9.97
C GLU B 54 26.44 5.31 11.24
N TYR B 55 27.64 5.53 11.77
CA TYR B 55 28.10 4.83 12.95
C TYR B 55 27.59 5.43 14.26
N CYS B 56 27.84 6.72 14.45
CA CYS B 56 27.60 7.38 15.76
C CYS B 56 26.37 8.29 15.75
N PHE B 57 25.71 8.43 14.60
CA PHE B 57 24.48 9.21 14.45
C PHE B 57 24.61 10.73 14.68
N THR B 58 25.82 11.28 14.78
N THR B 58 25.81 11.28 14.81
CA THR B 58 26.01 12.74 14.95
CA THR B 58 25.95 12.71 15.02
C THR B 58 25.41 13.43 13.73
C THR B 58 25.46 13.44 13.76
N ARG B 59 24.76 14.56 13.97
CA ARG B 59 24.21 15.33 12.89
C ARG B 59 25.29 16.31 12.46
N LYS B 60 25.82 16.12 11.26
CA LYS B 60 26.83 17.04 10.73
C LYS B 60 26.66 17.07 9.25
N GLU B 61 26.91 18.21 8.62
CA GLU B 61 26.88 18.29 7.17
C GLU B 61 28.29 18.17 6.63
N GLY B 62 28.40 17.83 5.35
CA GLY B 62 29.70 17.69 4.70
C GLY B 62 30.52 16.54 5.26
N LEU B 63 29.84 15.41 5.46
CA LEU B 63 30.47 14.19 5.98
C LEU B 63 31.28 13.53 4.88
N SER B 64 32.25 12.71 5.27
CA SER B 64 32.97 11.82 4.35
C SER B 64 32.08 10.66 3.96
N LYS B 65 32.42 10.03 2.84
CA LYS B 65 31.58 9.07 2.15
C LYS B 65 32.33 7.75 2.12
N CYS B 66 31.61 6.63 2.21
CA CYS B 66 32.19 5.35 1.87
C CYS B 66 32.58 5.41 0.39
N GLY B 67 33.87 5.22 0.10
CA GLY B 67 34.40 5.28 -1.25
C GLY B 67 33.94 4.14 -2.15
N ARG B 68 33.47 3.05 -1.55
CA ARG B 68 33.05 1.86 -2.28
C ARG B 68 31.68 2.05 -2.91
N CYS B 69 30.73 2.54 -2.11
CA CYS B 69 29.34 2.68 -2.54
C CYS B 69 28.85 4.13 -2.63
N LYS B 70 29.53 5.08 -1.99
CA LYS B 70 29.13 6.49 -1.94
C LYS B 70 27.75 6.73 -1.32
N GLN B 71 27.24 5.79 -0.52
CA GLN B 71 25.91 5.87 0.02
C GLN B 71 25.88 5.94 1.52
N ALA B 72 27.00 5.65 2.18
CA ALA B 72 27.12 5.72 3.63
C ALA B 72 28.07 6.86 3.96
N PHE B 73 27.69 7.64 4.96
CA PHE B 73 28.43 8.83 5.33
C PHE B 73 28.94 8.71 6.75
N TYR B 74 30.13 9.24 6.98
CA TYR B 74 30.84 9.10 8.24
C TYR B 74 31.55 10.41 8.68
N CYS B 75 31.70 10.58 10.00
CA CYS B 75 32.54 11.62 10.63
C CYS B 75 33.94 11.63 10.13
N ASN B 76 34.53 10.45 10.19
CA ASN B 76 35.95 10.25 10.04
C ASN B 76 36.15 8.78 9.74
N VAL B 77 37.38 8.45 9.39
CA VAL B 77 37.73 7.09 9.04
C VAL B 77 37.48 6.10 10.19
N GLU B 78 37.50 6.57 11.44
CA GLU B 78 37.31 5.68 12.56
C GLU B 78 35.86 5.23 12.67
N CYS B 79 34.92 6.18 12.51
CA CYS B 79 33.50 5.83 12.43
C CYS B 79 33.25 4.87 11.26
N GLN B 80 33.90 5.14 10.11
CA GLN B 80 33.83 4.23 8.95
C GLN B 80 34.30 2.81 9.26
N LYS B 81 35.48 2.70 9.87
CA LYS B 81 36.06 1.39 10.19
C LYS B 81 35.18 0.63 11.19
N GLU B 82 34.73 1.32 12.24
CA GLU B 82 33.95 0.68 13.30
C GLU B 82 32.55 0.25 12.80
N ASP B 83 32.01 0.94 11.79
CA ASP B 83 30.73 0.55 11.15
C ASP B 83 30.83 -0.61 10.14
N TRP B 84 32.04 -0.87 9.63
CA TRP B 84 32.28 -1.82 8.52
C TRP B 84 31.61 -3.21 8.70
N PRO B 85 31.70 -3.81 9.89
CA PRO B 85 31.07 -5.12 10.11
C PRO B 85 29.58 -5.13 9.77
N MET B 86 28.89 -4.02 10.00
CA MET B 86 27.47 -3.90 9.62
C MET B 86 27.28 -3.33 8.23
N HIS B 87 28.05 -2.29 7.89
CA HIS B 87 27.94 -1.67 6.57
C HIS B 87 28.23 -2.65 5.43
N LYS B 88 29.13 -3.60 5.64
CA LYS B 88 29.46 -4.57 4.59
C LYS B 88 28.25 -5.47 4.20
N LEU B 89 27.21 -5.50 5.03
CA LEU B 89 25.96 -6.18 4.66
C LEU B 89 25.21 -5.51 3.52
N GLU B 90 25.49 -4.22 3.29
CA GLU B 90 24.78 -3.40 2.36
C GLU B 90 25.66 -2.70 1.34
N CYS B 91 26.97 -2.57 1.60
CA CYS B 91 27.86 -1.79 0.71
C CYS B 91 27.81 -2.33 -0.73
N SER B 92 28.25 -3.57 -0.92
CA SER B 92 28.23 -4.18 -2.25
C SER B 92 26.80 -4.33 -2.84
N PRO B 93 25.81 -4.83 -2.05
CA PRO B 93 24.45 -4.78 -2.62
C PRO B 93 23.94 -3.43 -3.08
N MET B 94 24.29 -2.34 -2.40
CA MET B 94 23.81 -1.03 -2.85
C MET B 94 24.37 -0.66 -4.23
N VAL B 95 25.60 -1.09 -4.49
CA VAL B 95 26.27 -0.94 -5.79
C VAL B 95 25.58 -1.81 -6.85
N VAL B 96 25.33 -3.08 -6.53
CA VAL B 96 24.67 -4.01 -7.47
C VAL B 96 23.26 -3.58 -7.83
N PHE B 97 22.46 -3.26 -6.82
CA PHE B 97 21.04 -2.94 -7.01
C PHE B 97 20.76 -1.50 -7.37
N GLY B 98 21.74 -0.63 -7.11
CA GLY B 98 21.61 0.80 -7.36
C GLY B 98 20.39 1.39 -6.67
N GLU B 99 19.62 2.15 -7.43
CA GLU B 99 18.40 2.77 -6.96
C GLU B 99 17.26 1.80 -6.61
N ASN B 100 17.39 0.55 -7.08
N ASN B 100 17.32 0.54 -6.99
CA ASN B 100 16.48 -0.57 -6.79
CA ASN B 100 16.26 -0.37 -6.53
C ASN B 100 16.80 -1.31 -5.48
C ASN B 100 16.81 -1.35 -5.47
N TRP B 101 17.87 -0.91 -4.79
CA TRP B 101 18.17 -1.43 -3.45
C TRP B 101 17.11 -0.83 -2.53
N ASN B 102 16.27 -1.68 -1.96
CA ASN B 102 15.08 -1.22 -1.25
C ASN B 102 14.56 -2.15 -0.13
N PRO B 103 15.46 -2.72 0.70
CA PRO B 103 14.91 -3.49 1.85
C PRO B 103 14.23 -2.54 2.82
N SER B 104 13.14 -2.93 3.46
CA SER B 104 12.54 -2.07 4.49
C SER B 104 13.48 -1.87 5.69
N GLU B 105 13.24 -0.83 6.46
CA GLU B 105 14.04 -0.62 7.68
C GLU B 105 14.05 -1.82 8.63
N THR B 106 12.90 -2.47 8.78
CA THR B 106 12.79 -3.68 9.60
C THR B 106 13.72 -4.76 9.06
N VAL B 107 13.75 -4.93 7.73
CA VAL B 107 14.63 -5.92 7.11
C VAL B 107 16.09 -5.54 7.36
N ARG B 108 16.41 -4.26 7.22
CA ARG B 108 17.79 -3.77 7.45
C ARG B 108 18.24 -4.00 8.90
N LEU B 109 17.34 -3.79 9.86
CA LEU B 109 17.71 -3.98 11.27
C LEU B 109 17.90 -5.47 11.56
N THR B 110 17.03 -6.31 10.98
CA THR B 110 17.04 -7.73 11.21
C THR B 110 18.31 -8.39 10.64
N ALA B 111 18.75 -7.93 9.48
CA ALA B 111 20.04 -8.34 8.91
C ALA B 111 21.19 -8.11 9.89
N ARG B 112 21.18 -6.96 10.54
CA ARG B 112 22.18 -6.63 11.59
C ARG B 112 22.08 -7.49 12.84
N ILE B 113 20.85 -7.81 13.25
CA ILE B 113 20.65 -8.73 14.37
C ILE B 113 21.30 -10.06 14.04
N LEU B 114 21.04 -10.57 12.83
CA LEU B 114 21.60 -11.86 12.44
C LEU B 114 23.14 -11.85 12.38
N ALA B 115 23.72 -10.77 11.90
CA ALA B 115 25.17 -10.61 11.88
C ALA B 115 25.73 -10.54 13.31
N LYS B 116 25.06 -9.79 14.19
CA LYS B 116 25.43 -9.70 15.60
CA LYS B 116 25.43 -9.70 15.62
C LYS B 116 25.40 -11.07 16.32
N GLN B 117 24.35 -11.85 16.07
CA GLN B 117 24.22 -13.18 16.66
C GLN B 117 25.38 -14.12 16.22
N LYS B 118 25.74 -14.06 14.94
CA LYS B 118 26.90 -14.80 14.39
C LYS B 118 28.20 -14.37 15.07
N ILE B 119 28.46 -13.07 15.06
CA ILE B 119 29.69 -12.47 15.59
C ILE B 119 29.80 -12.56 17.13
N HIS B 120 28.69 -12.29 17.81
CA HIS B 120 28.68 -12.18 19.26
C HIS B 120 27.50 -12.94 19.82
N PRO B 121 27.56 -14.28 19.77
CA PRO B 121 26.47 -15.10 20.29
C PRO B 121 26.29 -15.03 21.82
N GLU B 122 27.38 -14.73 22.54
CA GLU B 122 27.32 -14.52 24.00
C GLU B 122 26.41 -13.33 24.32
N ARG B 123 25.94 -13.29 25.56
CA ARG B 123 25.12 -12.19 26.06
C ARG B 123 25.89 -10.86 25.95
N THR B 124 25.24 -9.81 25.49
CA THR B 124 25.94 -8.53 25.30
C THR B 124 25.71 -7.59 26.48
N PRO B 125 26.49 -6.50 26.58
CA PRO B 125 26.17 -5.45 27.57
C PRO B 125 24.77 -4.77 27.44
N SER B 126 24.16 -4.90 26.26
N SER B 126 24.14 -4.91 26.28
CA SER B 126 22.79 -4.47 26.01
CA SER B 126 22.77 -4.43 26.09
C SER B 126 21.74 -5.40 26.62
C SER B 126 21.72 -5.40 26.64
N GLU B 127 22.15 -6.59 27.07
CA GLU B 127 21.22 -7.64 27.57
C GLU B 127 21.47 -8.01 29.04
N LYS B 128 21.64 -7.01 29.88
CA LYS B 128 21.94 -7.29 31.28
C LYS B 128 20.78 -8.00 32.00
N LEU B 129 19.54 -7.63 31.67
CA LEU B 129 18.36 -8.18 32.35
C LEU B 129 17.37 -8.85 31.41
N LEU B 130 17.39 -8.52 30.12
CA LEU B 130 16.51 -9.18 29.14
C LEU B 130 17.31 -9.47 27.87
N ALA B 131 17.26 -10.71 27.41
CA ALA B 131 17.96 -11.12 26.17
C ALA B 131 17.06 -10.98 24.95
N VAL B 132 17.66 -10.66 23.81
CA VAL B 132 16.91 -10.60 22.55
C VAL B 132 16.07 -11.89 22.33
N LYS B 133 16.67 -13.04 22.62
CA LYS B 133 15.98 -14.33 22.41
C LYS B 133 14.72 -14.47 23.26
N GLU B 134 14.65 -13.78 24.40
CA GLU B 134 13.47 -13.77 25.24
C GLU B 134 12.40 -12.77 24.80
N PHE B 135 12.62 -11.98 23.74
CA PHE B 135 11.60 -11.00 23.32
C PHE B 135 10.27 -11.66 22.99
N GLU B 136 9.19 -10.97 23.32
N GLU B 136 9.19 -10.97 23.31
CA GLU B 136 7.85 -11.40 22.93
CA GLU B 136 7.87 -11.39 22.90
C GLU B 136 7.69 -11.19 21.41
C GLU B 136 7.74 -11.21 21.39
N SER B 137 7.06 -12.16 20.76
CA SER B 137 6.80 -12.10 19.30
C SER B 137 5.33 -11.87 19.03
N HIS B 138 4.46 -12.36 19.92
CA HIS B 138 3.01 -12.31 19.71
C HIS B 138 2.57 -13.01 18.42
N LEU B 139 3.32 -14.02 17.98
CA LEU B 139 3.10 -14.60 16.66
C LEU B 139 1.69 -15.18 16.51
N ASP B 140 1.19 -15.83 17.56
N ASP B 140 1.17 -15.84 17.54
CA ASP B 140 -0.12 -16.46 17.53
CA ASP B 140 -0.15 -16.45 17.44
C ASP B 140 -1.28 -15.46 17.45
C ASP B 140 -1.31 -15.45 17.46
N LYS B 141 -1.02 -14.20 17.79
CA LYS B 141 -2.00 -13.12 17.68
C LYS B 141 -1.97 -12.32 16.38
N LEU B 142 -1.03 -12.60 15.46
CA LEU B 142 -0.87 -11.78 14.26
C LEU B 142 -1.87 -12.19 13.18
N ASP B 143 -2.47 -11.23 12.51
CA ASP B 143 -3.42 -11.52 11.42
C ASP B 143 -2.69 -11.94 10.14
N ASN B 144 -3.47 -12.43 9.18
CA ASN B 144 -2.99 -12.86 7.86
C ASN B 144 -2.09 -11.85 7.20
N GLU B 145 -2.57 -10.61 7.19
CA GLU B 145 -1.91 -9.49 6.54
C GLU B 145 -0.52 -9.29 7.11
N LYS B 146 -0.44 -9.24 8.45
CA LYS B 146 0.84 -9.10 9.17
C LYS B 146 1.77 -10.29 8.92
N LYS B 147 1.23 -11.49 8.89
CA LYS B 147 2.06 -12.68 8.55
C LYS B 147 2.56 -12.62 7.10
N ASP B 148 1.73 -12.10 6.19
CA ASP B 148 2.15 -11.93 4.78
C ASP B 148 3.25 -10.88 4.66
N LEU B 149 3.14 -9.78 5.41
CA LEU B 149 4.21 -8.77 5.48
C LEU B 149 5.52 -9.39 6.00
N ILE B 150 5.42 -10.28 7.00
CA ILE B 150 6.59 -11.02 7.46
C ILE B 150 7.22 -11.87 6.33
N GLN B 151 6.39 -12.62 5.60
CA GLN B 151 6.92 -13.41 4.48
C GLN B 151 7.60 -12.52 3.45
N SER B 152 7.03 -11.34 3.18
CA SER B 152 7.65 -10.37 2.26
C SER B 152 8.98 -9.85 2.79
N ASP B 153 9.07 -9.61 4.10
CA ASP B 153 10.34 -9.23 4.74
C ASP B 153 11.38 -10.36 4.65
N ILE B 154 10.97 -11.60 4.89
CA ILE B 154 11.89 -12.74 4.68
C ILE B 154 12.39 -12.77 3.22
N ALA B 155 11.45 -12.67 2.27
CA ALA B 155 11.84 -12.65 0.85
C ALA B 155 12.85 -11.54 0.56
N ALA B 156 12.62 -10.35 1.09
CA ALA B 156 13.47 -9.19 0.85
C ALA B 156 14.84 -9.35 1.50
N LEU B 157 14.87 -9.92 2.71
CA LEU B 157 16.12 -10.29 3.37
C LEU B 157 17.00 -11.21 2.47
N HIS B 158 16.42 -12.32 2.01
CA HIS B 158 17.09 -13.22 1.04
C HIS B 158 17.53 -12.51 -0.23
N HIS B 159 16.65 -11.66 -0.75
CA HIS B 159 16.88 -11.01 -2.02
C HIS B 159 18.02 -10.00 -2.01
N PHE B 160 18.04 -9.13 -1.01
CA PHE B 160 19.05 -8.09 -0.91
C PHE B 160 20.32 -8.46 -0.13
N TYR B 161 20.29 -9.50 0.71
CA TYR B 161 21.40 -9.83 1.61
C TYR B 161 22.02 -11.22 1.37
N SER B 162 21.58 -11.94 0.35
CA SER B 162 21.94 -13.39 0.18
C SER B 162 23.45 -13.64 0.14
N LYS B 163 24.17 -12.70 -0.44
CA LYS B 163 25.60 -12.83 -0.62
C LYS B 163 26.40 -12.51 0.66
N HIS B 164 25.72 -12.08 1.73
CA HIS B 164 26.39 -11.60 2.95
C HIS B 164 25.86 -12.15 4.28
N LEU B 165 24.84 -13.03 4.28
CA LEU B 165 24.39 -13.69 5.51
C LEU B 165 24.04 -15.15 5.25
N GLU B 166 24.26 -15.99 6.26
CA GLU B 166 23.68 -17.34 6.35
C GLU B 166 22.36 -17.23 7.09
N PHE B 167 21.28 -17.77 6.51
CA PHE B 167 19.94 -17.58 7.09
C PHE B 167 19.47 -18.78 7.90
N PRO B 168 18.80 -18.54 9.03
CA PRO B 168 18.06 -19.64 9.65
C PRO B 168 16.83 -19.96 8.81
N ASP B 169 16.12 -21.02 9.17
CA ASP B 169 14.96 -21.44 8.39
C ASP B 169 13.80 -20.42 8.51
N ASN B 170 12.79 -20.58 7.65
CA ASN B 170 11.62 -19.68 7.63
C ASN B 170 10.97 -19.51 9.00
N ASP B 171 10.72 -20.61 9.69
CA ASP B 171 10.04 -20.58 10.99
C ASP B 171 10.77 -19.65 11.97
N SER B 172 12.10 -19.80 12.00
CA SER B 172 12.94 -18.98 12.87
C SER B 172 12.90 -17.51 12.51
N LEU B 173 12.95 -17.23 11.21
CA LEU B 173 12.87 -15.84 10.77
C LEU B 173 11.51 -15.19 11.03
N VAL B 174 10.42 -15.96 10.94
CA VAL B 174 9.11 -15.42 11.25
C VAL B 174 9.08 -14.93 12.68
N VAL B 175 9.59 -15.75 13.59
CA VAL B 175 9.65 -15.38 15.01
C VAL B 175 10.50 -14.13 15.21
N LEU B 176 11.65 -14.09 14.57
CA LEU B 176 12.56 -12.96 14.69
C LEU B 176 11.93 -11.67 14.15
N PHE B 177 11.36 -11.74 12.95
CA PHE B 177 10.71 -10.56 12.42
C PHE B 177 9.56 -10.09 13.32
N ALA B 178 8.75 -11.01 13.82
CA ALA B 178 7.67 -10.64 14.73
C ALA B 178 8.20 -9.96 16.02
N GLN B 179 9.29 -10.50 16.56
CA GLN B 179 9.97 -9.86 17.70
C GLN B 179 10.45 -8.44 17.37
N VAL B 180 11.15 -8.28 16.26
CA VAL B 180 11.63 -6.96 15.86
C VAL B 180 10.48 -5.99 15.66
N ASN B 181 9.38 -6.48 15.07
CA ASN B 181 8.22 -5.63 14.81
C ASN B 181 7.67 -5.00 16.08
N CYS B 182 7.58 -5.73 17.17
CA CYS B 182 7.03 -5.12 18.39
C CYS B 182 8.08 -4.65 19.41
N ASN B 183 9.36 -5.05 19.29
CA ASN B 183 10.41 -4.62 20.27
C ASN B 183 11.39 -3.54 19.79
N GLY B 184 11.41 -3.28 18.48
CA GLY B 184 12.26 -2.19 17.93
C GLY B 184 11.91 -0.82 18.45
N PHE B 185 12.93 -0.02 18.72
CA PHE B 185 12.75 1.38 19.06
C PHE B 185 13.10 2.26 17.88
N THR B 186 12.41 3.38 17.76
CA THR B 186 12.86 4.46 16.88
C THR B 186 13.85 5.36 17.62
N ILE B 187 15.00 5.62 17.03
CA ILE B 187 15.98 6.55 17.60
C ILE B 187 15.60 7.89 17.04
N GLU B 188 15.39 8.81 17.98
CA GLU B 188 14.82 10.11 17.73
C GLU B 188 15.86 11.18 18.01
N ASP B 189 15.87 12.22 17.20
CA ASP B 189 16.72 13.38 17.47
C ASP B 189 16.00 14.42 18.34
N GLU B 190 16.66 15.54 18.59
CA GLU B 190 16.12 16.60 19.42
C GLU B 190 14.80 17.24 18.90
N GLU B 191 14.52 17.12 17.60
CA GLU B 191 13.24 17.56 17.05
C GLU B 191 12.18 16.45 16.92
N LEU B 192 12.43 15.29 17.53
CA LEU B 192 11.64 14.05 17.33
C LEU B 192 11.62 13.48 15.91
N SER B 193 12.61 13.83 15.07
CA SER B 193 12.71 13.20 13.75
C SER B 193 13.12 11.75 13.90
N HIS B 194 12.57 10.91 13.04
CA HIS B 194 12.99 9.51 12.96
C HIS B 194 14.40 9.40 12.35
N LEU B 195 15.41 9.15 13.17
CA LEU B 195 16.76 8.91 12.66
C LEU B 195 16.98 7.48 12.27
N GLY B 196 16.33 6.54 12.94
CA GLY B 196 16.59 5.14 12.69
C GLY B 196 15.86 4.22 13.62
N SER B 197 16.23 2.94 13.54
CA SER B 197 15.66 1.92 14.42
C SER B 197 16.74 1.15 15.13
N ALA B 198 16.41 0.64 16.31
CA ALA B 198 17.39 -0.07 17.12
C ALA B 198 16.74 -1.04 18.09
N ILE B 199 17.58 -1.94 18.56
CA ILE B 199 17.21 -2.92 19.58
C ILE B 199 17.92 -2.53 20.87
N PHE B 200 17.13 -2.28 21.92
CA PHE B 200 17.65 -1.93 23.26
C PHE B 200 17.00 -2.91 24.23
N PRO B 201 17.60 -4.09 24.40
CA PRO B 201 16.89 -5.14 25.13
C PRO B 201 16.52 -4.80 26.56
N ASP B 202 17.42 -4.19 27.31
CA ASP B 202 17.09 -3.82 28.69
C ASP B 202 16.01 -2.74 28.80
N VAL B 203 15.91 -1.87 27.80
CA VAL B 203 14.88 -0.82 27.77
C VAL B 203 13.53 -1.49 27.48
N ALA B 204 13.54 -2.53 26.65
CA ALA B 204 12.35 -3.29 26.29
C ALA B 204 11.69 -4.03 27.47
N LEU B 205 12.42 -4.18 28.58
CA LEU B 205 11.86 -4.80 29.78
C LEU B 205 10.84 -3.96 30.51
N MET B 206 10.91 -2.64 30.37
CA MET B 206 9.96 -1.76 31.09
C MET B 206 8.54 -1.95 30.59
N ASN B 207 7.60 -2.00 31.52
CA ASN B 207 6.19 -2.00 31.22
C ASN B 207 5.71 -0.58 30.94
N HIS B 208 4.46 -0.53 30.50
CA HIS B 208 3.82 0.65 30.04
C HIS B 208 2.88 1.23 31.09
N SER B 209 2.90 2.56 31.19
CA SER B 209 1.83 3.34 31.81
C SER B 209 1.60 4.59 31.01
N CYS B 210 0.34 5.06 30.99
CA CYS B 210 0.03 6.39 30.45
C CYS B 210 0.39 7.51 31.43
N CYS B 211 0.87 7.16 32.63
CA CYS B 211 1.49 8.11 33.56
C CYS B 211 2.91 7.65 33.83
N PRO B 212 3.79 7.67 32.82
CA PRO B 212 5.12 7.08 33.03
C PRO B 212 5.94 7.87 34.03
N ASN B 213 6.89 7.21 34.67
CA ASN B 213 7.84 7.91 35.55
C ASN B 213 9.23 8.04 34.92
N VAL B 214 9.43 7.51 33.71
CA VAL B 214 10.65 7.72 32.96
C VAL B 214 10.41 8.13 31.51
N ILE B 215 11.45 8.73 30.94
CA ILE B 215 11.54 9.08 29.55
C ILE B 215 12.79 8.45 28.95
N VAL B 216 12.63 7.87 27.76
CA VAL B 216 13.79 7.37 26.99
C VAL B 216 14.25 8.47 26.03
N THR B 217 15.53 8.81 26.05
CA THR B 217 16.15 9.70 25.09
C THR B 217 17.38 8.97 24.54
N TYR B 218 18.04 9.59 23.56
CA TYR B 218 19.16 8.97 22.84
C TYR B 218 20.33 9.92 22.73
N LYS B 219 21.51 9.39 23.01
CA LYS B 219 22.74 10.13 22.86
C LYS B 219 23.51 9.38 21.78
N GLY B 220 23.41 9.84 20.53
CA GLY B 220 23.83 9.03 19.40
C GLY B 220 22.99 7.76 19.30
N THR B 221 23.61 6.59 19.42
CA THR B 221 22.88 5.31 19.45
C THR B 221 22.66 4.71 20.85
N LEU B 222 23.04 5.44 21.90
CA LEU B 222 22.89 5.01 23.27
C LEU B 222 21.53 5.49 23.79
N ALA B 223 20.69 4.56 24.28
CA ALA B 223 19.44 4.91 24.94
C ALA B 223 19.74 5.29 26.38
N GLU B 224 19.12 6.38 26.83
CA GLU B 224 19.20 6.85 28.20
C GLU B 224 17.78 6.93 28.79
N VAL B 225 17.62 6.41 30.00
CA VAL B 225 16.34 6.37 30.68
C VAL B 225 16.45 7.29 31.91
N ARG B 226 15.69 8.39 31.92
CA ARG B 226 15.71 9.32 33.04
C ARG B 226 14.34 9.53 33.62
N ALA B 227 14.33 9.77 34.92
CA ALA B 227 13.11 9.99 35.68
C ALA B 227 12.43 11.31 35.30
N VAL B 228 11.13 11.27 35.05
CA VAL B 228 10.30 12.48 34.96
C VAL B 228 9.31 12.64 36.11
N GLN B 229 9.33 11.70 37.05
CA GLN B 229 8.64 11.86 38.33
C GLN B 229 9.57 11.26 39.36
N GLU B 230 9.39 11.66 40.60
CA GLU B 230 10.09 11.03 41.70
C GLU B 230 9.72 9.56 41.73
N ILE B 231 10.71 8.70 41.97
CA ILE B 231 10.45 7.25 42.07
C ILE B 231 10.97 6.82 43.43
N LYS B 232 10.18 6.03 44.15
CA LYS B 232 10.56 5.55 45.50
C LYS B 232 11.00 4.10 45.43
N PRO B 233 11.77 3.63 46.44
CA PRO B 233 12.14 2.22 46.53
C PRO B 233 10.93 1.31 46.48
N GLY B 234 10.99 0.25 45.69
CA GLY B 234 9.84 -0.64 45.50
C GLY B 234 8.90 -0.31 44.35
N GLU B 235 8.97 0.90 43.78
CA GLU B 235 8.05 1.28 42.72
C GLU B 235 8.56 0.76 41.35
N GLU B 236 7.61 0.35 40.52
CA GLU B 236 7.91 -0.06 39.16
C GLU B 236 8.29 1.12 38.30
N VAL B 237 9.24 0.88 37.43
CA VAL B 237 9.65 1.84 36.40
C VAL B 237 8.75 1.65 35.17
N PHE B 238 8.00 2.70 34.81
CA PHE B 238 7.08 2.69 33.69
C PHE B 238 7.50 3.67 32.65
N THR B 239 7.58 3.18 31.43
CA THR B 239 7.66 4.02 30.23
C THR B 239 6.29 4.06 29.55
N SER B 240 6.14 4.88 28.52
CA SER B 240 4.95 4.85 27.68
C SER B 240 5.31 4.25 26.33
N TYR B 241 4.49 3.31 25.84
CA TYR B 241 4.67 2.68 24.53
C TYR B 241 4.00 3.54 23.46
N ILE B 242 3.16 4.49 23.86
CA ILE B 242 2.29 5.21 22.95
C ILE B 242 2.26 6.71 23.22
N ASP B 243 1.64 7.43 22.29
CA ASP B 243 1.56 8.90 22.34
C ASP B 243 0.48 9.29 23.33
N LEU B 244 0.90 10.00 24.38
CA LEU B 244 0.01 10.40 25.47
C LEU B 244 -0.99 11.53 25.14
N LEU B 245 -0.92 12.09 23.93
CA LEU B 245 -1.82 13.18 23.56
C LEU B 245 -3.28 12.74 23.51
N TYR B 246 -3.52 11.47 23.22
CA TYR B 246 -4.84 11.00 22.81
C TYR B 246 -5.69 10.52 23.98
N PRO B 247 -7.03 10.50 23.80
CA PRO B 247 -7.94 9.99 24.83
C PRO B 247 -7.84 8.49 25.06
N THR B 248 -8.44 8.04 26.15
CA THR B 248 -8.27 6.68 26.63
C THR B 248 -8.52 5.60 25.60
N GLU B 249 -9.66 5.64 24.91
CA GLU B 249 -9.97 4.65 23.90
C GLU B 249 -8.92 4.58 22.80
N ASP B 250 -8.46 5.73 22.33
CA ASP B 250 -7.45 5.78 21.26
C ASP B 250 -6.10 5.19 21.70
N ARG B 251 -5.68 5.53 22.92
CA ARG B 251 -4.42 4.99 23.49
C ARG B 251 -4.49 3.45 23.55
N ASN B 252 -5.63 2.95 24.00
CA ASN B 252 -5.82 1.51 24.11
C ASN B 252 -5.99 0.76 22.78
N ASP B 253 -6.56 1.40 21.75
CA ASP B 253 -6.58 0.80 20.40
C ASP B 253 -5.17 0.64 19.86
N ARG B 254 -4.32 1.62 20.11
CA ARG B 254 -2.95 1.56 19.67
C ARG B 254 -2.18 0.47 20.42
N LEU B 255 -2.37 0.41 21.74
CA LEU B 255 -1.77 -0.66 22.53
C LEU B 255 -2.25 -2.03 22.08
N ARG B 256 -3.56 -2.19 21.88
CA ARG B 256 -4.10 -3.45 21.35
C ARG B 256 -3.52 -3.84 20.00
N ASP B 257 -3.51 -2.89 19.06
CA ASP B 257 -3.01 -3.14 17.69
C ASP B 257 -1.60 -3.65 17.65
N SER B 258 -0.71 -3.08 18.47
CA SER B 258 0.73 -3.45 18.40
C SER B 258 1.19 -4.45 19.44
N TYR B 259 0.58 -4.43 20.64
CA TYR B 259 1.05 -5.27 21.76
C TYR B 259 -0.02 -6.19 22.35
N PHE B 260 -1.27 -6.08 21.88
CA PHE B 260 -2.33 -7.00 22.25
C PHE B 260 -2.61 -7.01 23.75
N PHE B 261 -2.56 -5.83 24.35
CA PHE B 261 -3.02 -5.64 25.73
C PHE B 261 -3.71 -4.27 25.87
N THR B 262 -4.40 -4.07 26.99
CA THR B 262 -5.03 -2.79 27.31
C THR B 262 -4.50 -2.34 28.65
N CYS B 263 -4.45 -1.02 28.83
CA CYS B 263 -3.81 -0.40 29.96
C CYS B 263 -4.79 -0.32 31.13
N GLU B 264 -4.25 -0.23 32.34
CA GLU B 264 -5.01 -0.18 33.60
C GLU B 264 -4.51 0.93 34.53
N CYS B 265 -3.81 1.93 33.98
CA CYS B 265 -3.20 2.97 34.80
C CYS B 265 -4.28 3.93 35.32
N GLN B 266 -3.87 4.86 36.18
CA GLN B 266 -4.77 5.89 36.76
C GLN B 266 -5.65 6.57 35.70
N GLU B 267 -5.02 7.00 34.61
CA GLU B 267 -5.68 7.78 33.58
C GLU B 267 -6.63 6.95 32.73
N CYS B 268 -6.22 5.73 32.43
CA CYS B 268 -7.11 4.77 31.75
C CYS B 268 -8.31 4.35 32.60
N THR B 269 -8.13 4.27 33.91
CA THR B 269 -9.17 3.80 34.82
C THR B 269 -10.22 4.87 35.07
N THR B 270 -9.79 6.10 35.37
CA THR B 270 -10.72 7.22 35.58
C THR B 270 -11.24 7.79 34.26
N LYS B 271 -10.35 7.87 33.26
CA LYS B 271 -10.59 8.60 32.02
C LYS B 271 -10.78 10.07 32.29
N ASP B 272 -10.20 10.56 33.38
CA ASP B 272 -10.40 11.95 33.85
C ASP B 272 -10.11 13.01 32.79
N LYS B 273 -9.11 12.78 31.95
CA LYS B 273 -8.66 13.80 31.02
C LYS B 273 -9.20 13.67 29.61
N ASP B 274 -10.07 12.70 29.35
CA ASP B 274 -10.66 12.53 28.01
C ASP B 274 -11.41 13.79 27.56
N LYS B 275 -12.23 14.35 28.46
CA LYS B 275 -13.07 15.51 28.15
C LYS B 275 -12.21 16.72 27.77
N ALA B 276 -11.23 17.00 28.63
CA ALA B 276 -10.23 18.05 28.42
C ALA B 276 -9.54 17.94 27.07
N LYS B 277 -9.25 16.70 26.63
CA LYS B 277 -8.58 16.46 25.35
C LYS B 277 -9.49 16.63 24.14
N VAL B 278 -10.75 16.19 24.26
CA VAL B 278 -11.71 16.26 23.14
C VAL B 278 -12.57 17.50 23.39
N GLU B 279 -11.91 18.65 23.33
CA GLU B 279 -12.53 19.93 23.67
C GLU B 279 -13.56 20.35 22.63
N ILE B 280 -14.75 20.67 23.11
CA ILE B 280 -15.90 20.99 22.26
C ILE B 280 -16.07 22.50 22.33
N ARG B 281 -16.36 23.13 21.20
CA ARG B 281 -16.57 24.58 21.18
C ARG B 281 -17.71 25.01 22.13
N LYS B 282 -17.50 26.12 22.84
CA LYS B 282 -18.48 26.64 23.80
C LYS B 282 -19.50 27.52 23.06
N LEU B 283 -20.41 26.85 22.33
CA LEU B 283 -21.41 27.54 21.50
C LEU B 283 -22.65 27.91 22.30
N SER B 284 -23.52 28.73 21.68
CA SER B 284 -24.78 29.16 22.28
C SER B 284 -25.70 27.96 22.49
N ASP B 285 -25.84 27.16 21.43
CA ASP B 285 -26.43 25.80 21.52
C ASP B 285 -25.27 24.77 21.53
N PRO B 286 -24.91 24.25 22.73
CA PRO B 286 -23.81 23.27 22.84
C PRO B 286 -24.02 22.07 21.92
N PRO B 287 -23.01 21.70 21.10
CA PRO B 287 -23.12 20.45 20.31
C PRO B 287 -23.53 19.26 21.19
N LYS B 288 -24.43 18.43 20.68
CA LYS B 288 -24.97 17.30 21.47
C LYS B 288 -24.12 16.05 21.25
N ALA B 289 -24.22 15.14 22.21
CA ALA B 289 -23.52 13.84 22.19
C ALA B 289 -23.47 13.20 20.81
N GLU B 290 -24.62 13.09 20.15
CA GLU B 290 -24.70 12.54 18.79
C GLU B 290 -23.66 13.20 17.86
N ALA B 291 -23.69 14.53 17.80
CA ALA B 291 -22.74 15.32 16.99
C ALA B 291 -21.27 15.11 17.38
N ILE B 292 -21.02 15.01 18.69
CA ILE B 292 -19.67 14.82 19.25
C ILE B 292 -19.15 13.42 18.85
N ARG B 293 -19.93 12.37 19.14
CA ARG B 293 -19.59 10.98 18.74
C ARG B 293 -19.31 10.89 17.24
N ASP B 294 -20.18 11.48 16.43
CA ASP B 294 -20.00 11.54 14.96
C ASP B 294 -18.68 12.17 14.54
N MET B 295 -18.31 13.25 15.23
CA MET B 295 -17.08 13.99 14.88
C MET B 295 -15.81 13.22 15.29
N VAL B 296 -15.85 12.55 16.44
CA VAL B 296 -14.75 11.70 16.90
C VAL B 296 -14.53 10.57 15.90
N ARG B 297 -15.61 9.95 15.42
CA ARG B 297 -15.53 8.89 14.42
C ARG B 297 -14.90 9.44 13.15
N TYR B 298 -15.38 10.59 12.68
CA TYR B 298 -14.81 11.22 11.48
C TYR B 298 -13.30 11.47 11.65
N ALA B 299 -12.94 12.04 12.80
CA ALA B 299 -11.54 12.37 13.10
C ALA B 299 -10.65 11.15 12.94
N ARG B 300 -11.08 10.06 13.58
CA ARG B 300 -10.32 8.81 13.58
C ARG B 300 -10.17 8.26 12.18
N ASN B 301 -11.26 8.26 11.41
CA ASN B 301 -11.17 7.83 10.01
C ASN B 301 -10.24 8.70 9.20
N VAL B 302 -10.29 10.01 9.43
CA VAL B 302 -9.40 10.92 8.69
C VAL B 302 -7.92 10.70 9.04
N ILE B 303 -7.63 10.46 10.31
CA ILE B 303 -6.27 10.12 10.77
C ILE B 303 -5.75 8.88 10.03
N GLU B 304 -6.61 7.88 9.93
CA GLU B 304 -6.31 6.63 9.28
C GLU B 304 -6.20 6.81 7.78
N GLU B 305 -7.11 7.58 7.21
CA GLU B 305 -7.02 8.00 5.80
C GLU B 305 -5.70 8.72 5.55
N PHE B 306 -5.38 9.71 6.38
CA PHE B 306 -4.13 10.46 6.21
C PHE B 306 -2.86 9.61 6.24
N ARG B 307 -2.81 8.62 7.12
CA ARG B 307 -1.65 7.74 7.23
C ARG B 307 -1.38 6.99 5.92
N ARG B 308 -2.44 6.37 5.39
CA ARG B 308 -2.40 5.68 4.09
C ARG B 308 -2.07 6.65 2.96
N ALA B 309 -2.84 7.75 2.91
CA ALA B 309 -2.62 8.83 1.95
C ALA B 309 -1.16 9.28 1.83
N LYS B 310 -0.44 9.28 2.95
CA LYS B 310 0.97 9.71 2.98
C LYS B 310 1.87 8.87 2.06
N HIS B 311 1.46 7.64 1.74
CA HIS B 311 2.20 6.79 0.80
C HIS B 311 2.00 7.05 -0.69
N TYR B 312 1.06 7.91 -1.07
CA TYR B 312 0.84 8.20 -2.51
C TYR B 312 0.45 9.63 -2.92
N LYS B 313 -0.09 10.44 -2.01
CA LYS B 313 -0.49 11.80 -2.35
C LYS B 313 0.71 12.74 -2.41
N SER B 314 0.58 13.83 -3.17
CA SER B 314 1.58 14.89 -3.19
C SER B 314 1.52 15.71 -1.90
N PRO B 315 2.63 16.34 -1.53
CA PRO B 315 2.64 17.33 -0.44
C PRO B 315 1.43 18.26 -0.43
N SER B 316 1.14 18.88 -1.58
CA SER B 316 -0.02 19.78 -1.73
C SER B 316 -1.34 19.08 -1.40
N GLU B 317 -1.48 17.84 -1.88
CA GLU B 317 -2.70 17.05 -1.62
C GLU B 317 -2.82 16.74 -0.12
N LEU B 318 -1.70 16.38 0.50
CA LEU B 318 -1.70 16.03 1.91
C LEU B 318 -2.13 17.24 2.75
N LEU B 319 -1.65 18.41 2.39
CA LEU B 319 -2.05 19.65 3.06
C LEU B 319 -3.52 19.97 2.90
N GLU B 320 -4.07 19.74 1.71
CA GLU B 320 -5.49 19.98 1.47
C GLU B 320 -6.35 19.12 2.42
N ILE B 321 -5.90 17.89 2.65
CA ILE B 321 -6.60 16.97 3.56
C ILE B 321 -6.61 17.56 4.98
N CYS B 322 -5.43 18.01 5.44
CA CYS B 322 -5.30 18.62 6.76
C CYS B 322 -6.20 19.85 6.88
N GLU B 323 -6.14 20.72 5.88
CA GLU B 323 -6.98 21.91 5.84
C GLU B 323 -8.48 21.55 5.85
N LEU B 324 -8.88 20.61 4.99
CA LEU B 324 -10.31 20.24 4.83
C LEU B 324 -10.84 19.60 6.09
N SER B 325 -10.04 18.69 6.67
CA SER B 325 -10.41 18.04 7.93
C SER B 325 -10.57 19.01 9.09
N GLN B 326 -9.65 19.97 9.22
CA GLN B 326 -9.73 20.98 10.29
C GLN B 326 -11.01 21.82 10.15
N GLU B 327 -11.26 22.26 8.92
CA GLU B 327 -12.49 22.99 8.60
C GLU B 327 -13.71 22.20 9.09
N LYS B 328 -13.84 20.95 8.65
CA LYS B 328 -15.03 20.17 9.03
C LYS B 328 -15.12 20.01 10.55
N MET B 329 -14.01 19.62 11.17
CA MET B 329 -13.98 19.39 12.63
C MET B 329 -14.29 20.62 13.46
N SER B 330 -13.92 21.80 12.97
CA SER B 330 -14.10 23.06 13.72
C SER B 330 -15.55 23.42 14.10
N SER B 331 -16.54 22.89 13.36
CA SER B 331 -17.94 23.13 13.71
C SER B 331 -18.29 22.59 15.11
N VAL B 332 -17.57 21.57 15.55
CA VAL B 332 -17.74 20.97 16.86
C VAL B 332 -16.53 21.19 17.79
N PHE B 333 -15.33 20.95 17.27
CA PHE B 333 -14.11 20.90 18.12
C PHE B 333 -13.44 22.26 18.25
N GLU B 334 -13.06 22.59 19.48
CA GLU B 334 -12.19 23.73 19.76
C GLU B 334 -10.81 23.53 19.12
N ASP B 335 -10.10 24.62 18.84
CA ASP B 335 -8.77 24.55 18.17
C ASP B 335 -7.72 23.73 18.94
N SER B 336 -7.85 23.71 20.27
CA SER B 336 -6.95 22.93 21.13
C SER B 336 -7.35 21.44 21.30
N ASN B 337 -8.46 21.03 20.70
CA ASN B 337 -8.89 19.63 20.60
C ASN B 337 -7.76 18.77 20.02
N VAL B 338 -7.45 17.65 20.65
CA VAL B 338 -6.28 16.83 20.26
C VAL B 338 -6.35 16.30 18.83
N TYR B 339 -7.57 16.08 18.32
CA TYR B 339 -7.74 15.64 16.94
C TYR B 339 -7.37 16.75 15.94
N MET B 340 -7.70 17.99 16.31
CA MET B 340 -7.27 19.16 15.52
C MET B 340 -5.75 19.30 15.56
N LEU B 341 -5.17 19.11 16.74
CA LEU B 341 -3.72 19.17 16.88
C LEU B 341 -3.02 18.10 16.06
N HIS B 342 -3.58 16.90 16.02
CA HIS B 342 -3.03 15.82 15.20
C HIS B 342 -2.86 16.27 13.75
N MET B 343 -3.94 16.83 13.18
CA MET B 343 -3.91 17.30 11.80
C MET B 343 -2.99 18.50 11.57
N MET B 344 -2.95 19.43 12.52
CA MET B 344 -2.03 20.58 12.46
C MET B 344 -0.58 20.10 12.52
N TYR B 345 -0.32 19.11 13.36
CA TYR B 345 1.00 18.50 13.43
C TYR B 345 1.42 17.85 12.12
N GLN B 346 0.51 17.09 11.52
CA GLN B 346 0.80 16.45 10.23
C GLN B 346 1.08 17.49 9.18
N ALA B 347 0.24 18.53 9.16
CA ALA B 347 0.41 19.64 8.22
C ALA B 347 1.77 20.31 8.40
N MET B 348 2.16 20.55 9.67
CA MET B 348 3.45 21.15 9.97
C MET B 348 4.58 20.31 9.36
N GLY B 349 4.47 19.00 9.51
CA GLY B 349 5.45 18.07 8.98
C GLY B 349 5.58 18.16 7.47
N VAL B 350 4.44 18.19 6.78
CA VAL B 350 4.43 18.39 5.33
C VAL B 350 5.12 19.71 4.97
N CYS B 351 4.84 20.77 5.71
CA CYS B 351 5.49 22.05 5.48
C CYS B 351 7.00 21.97 5.64
N LEU B 352 7.46 21.30 6.68
CA LEU B 352 8.90 21.15 6.92
C LEU B 352 9.55 20.36 5.77
N TYR B 353 8.92 19.26 5.38
CA TYR B 353 9.38 18.48 4.24
C TYR B 353 9.52 19.31 2.95
N MET B 354 8.60 20.26 2.74
CA MET B 354 8.65 21.19 1.61
C MET B 354 9.59 22.39 1.80
N GLN B 355 10.26 22.48 2.95
CA GLN B 355 11.06 23.65 3.34
C GLN B 355 10.24 24.94 3.35
N ASP B 356 8.97 24.81 3.68
CA ASP B 356 8.07 25.94 3.81
C ASP B 356 8.18 26.30 5.28
N TRP B 357 9.19 27.11 5.57
CA TRP B 357 9.57 27.40 6.94
C TRP B 357 8.52 28.26 7.62
N GLU B 358 7.95 29.25 6.92
CA GLU B 358 6.86 30.07 7.50
C GLU B 358 5.56 29.31 7.71
N GLY B 359 5.17 28.48 6.77
CA GLY B 359 4.03 27.59 6.93
C GLY B 359 4.14 26.74 8.19
N ALA B 360 5.29 26.11 8.37
CA ALA B 360 5.53 25.27 9.57
C ALA B 360 5.45 26.12 10.84
N LEU B 361 5.98 27.32 10.78
CA LEU B 361 5.98 28.20 11.93
C LEU B 361 4.56 28.58 12.36
N GLN B 362 3.66 28.77 11.38
CA GLN B 362 2.27 29.15 11.68
C GLN B 362 1.62 27.99 12.39
N TYR B 363 1.83 26.78 11.86
CA TYR B 363 1.29 25.60 12.53
C TYR B 363 1.90 25.42 13.94
N GLY B 364 3.23 25.51 14.04
CA GLY B 364 3.91 25.44 15.34
C GLY B 364 3.30 26.37 16.39
N GLN B 365 3.04 27.61 16.00
CA GLN B 365 2.46 28.59 16.93
C GLN B 365 1.08 28.22 17.46
N LYS B 366 0.28 27.54 16.64
CA LYS B 366 -1.06 27.08 17.08
C LYS B 366 -1.00 25.82 17.96
N ILE B 367 0.03 25.00 17.79
CA ILE B 367 0.15 23.72 18.49
C ILE B 367 0.67 23.88 19.92
N ILE B 368 1.59 24.82 20.11
CA ILE B 368 2.42 24.86 21.31
C ILE B 368 1.67 25.01 22.64
N LYS B 369 0.77 25.99 22.76
CA LYS B 369 0.05 26.18 24.03
C LYS B 369 -0.86 24.98 24.38
N PRO B 370 -1.67 24.51 23.41
CA PRO B 370 -2.38 23.25 23.66
C PRO B 370 -1.46 22.04 24.00
N TYR B 371 -0.35 21.87 23.30
CA TYR B 371 0.62 20.83 23.66
C TYR B 371 1.05 20.93 25.12
N SER B 372 1.40 22.15 25.54
CA SER B 372 1.84 22.40 26.90
C SER B 372 0.82 21.99 27.94
N LYS B 373 -0.47 22.21 27.67
CA LYS B 373 -1.50 21.84 28.61
C LYS B 373 -1.86 20.36 28.55
N HIS B 374 -1.91 19.77 27.34
CA HIS B 374 -2.34 18.38 27.20
C HIS B 374 -1.28 17.35 27.61
N TYR B 375 0.00 17.65 27.41
CA TYR B 375 1.07 16.69 27.70
C TYR B 375 1.62 16.90 29.13
N PRO B 376 2.33 15.88 29.67
CA PRO B 376 3.05 16.11 30.94
C PRO B 376 4.12 17.19 30.83
N LEU B 377 4.53 17.73 31.97
CA LEU B 377 5.46 18.86 32.09
C LEU B 377 6.82 18.66 31.40
N TYR B 378 7.36 17.44 31.45
CA TYR B 378 8.67 17.15 30.84
C TYR B 378 8.57 16.39 29.52
N SER B 379 7.50 16.65 28.78
CA SER B 379 7.26 15.98 27.51
C SER B 379 8.29 16.37 26.43
N LEU B 380 8.90 15.35 25.82
CA LEU B 380 9.69 15.54 24.58
C LEU B 380 8.87 16.13 23.43
N ASN B 381 7.55 15.89 23.42
CA ASN B 381 6.68 16.48 22.41
C ASN B 381 6.64 17.98 22.55
N VAL B 382 6.54 18.47 23.78
CA VAL B 382 6.50 19.90 24.08
C VAL B 382 7.88 20.52 23.84
N ALA B 383 8.93 19.90 24.37
CA ALA B 383 10.30 20.41 24.21
C ALA B 383 10.73 20.54 22.75
N SER B 384 10.51 19.48 21.98
CA SER B 384 10.82 19.49 20.56
C SER B 384 10.00 20.54 19.77
N MET B 385 8.75 20.76 20.15
CA MET B 385 7.94 21.81 19.50
C MET B 385 8.55 23.19 19.79
N TRP B 386 8.93 23.43 21.05
CA TRP B 386 9.59 24.70 21.38
C TRP B 386 10.86 24.86 20.57
N LEU B 387 11.63 23.78 20.42
CA LEU B 387 12.90 23.82 19.71
C LEU B 387 12.70 24.10 18.24
N LYS B 388 11.72 23.42 17.64
CA LYS B 388 11.39 23.70 16.24
C LYS B 388 10.97 25.15 16.05
N LEU B 389 10.10 25.64 16.93
CA LEU B 389 9.66 27.04 16.92
C LEU B 389 10.86 28.00 17.00
N GLY B 390 11.73 27.73 17.95
CA GLY B 390 12.93 28.49 18.16
C GLY B 390 13.79 28.57 16.94
N ARG B 391 14.10 27.43 16.33
CA ARG B 391 14.91 27.42 15.12
C ARG B 391 14.25 28.13 13.94
N LEU B 392 12.94 27.97 13.78
CA LEU B 392 12.21 28.66 12.73
C LEU B 392 12.24 30.17 12.96
N TYR B 393 11.97 30.61 14.19
CA TYR B 393 12.07 32.03 14.54
C TYR B 393 13.45 32.58 14.22
N MET B 394 14.49 31.94 14.78
CA MET B 394 15.88 32.31 14.49
C MET B 394 16.19 32.37 12.99
N GLY B 395 15.64 31.43 12.23
CA GLY B 395 15.85 31.39 10.77
C GLY B 395 15.18 32.52 10.02
N LEU B 396 14.08 33.04 10.56
CA LEU B 396 13.34 34.14 9.93
C LEU B 396 13.66 35.49 10.60
N GLU B 397 14.85 35.58 11.21
CA GLU B 397 15.36 36.81 11.84
C GLU B 397 14.50 37.37 12.97
N HIS B 398 13.76 36.51 13.68
CA HIS B 398 12.94 36.89 14.85
C HIS B 398 13.68 36.45 16.12
N LYS B 399 14.77 37.16 16.41
CA LYS B 399 15.72 36.78 17.45
C LYS B 399 15.06 36.63 18.82
N ALA B 400 14.24 37.61 19.21
CA ALA B 400 13.60 37.62 20.53
C ALA B 400 12.71 36.40 20.78
N ALA B 401 11.78 36.15 19.86
CA ALA B 401 10.89 34.99 19.96
C ALA B 401 11.67 33.68 19.92
N GLY B 402 12.72 33.65 19.07
CA GLY B 402 13.62 32.50 18.95
C GLY B 402 14.34 32.17 20.24
N GLU B 403 14.96 33.17 20.87
CA GLU B 403 15.65 32.96 22.15
C GLU B 403 14.71 32.45 23.23
N LYS B 404 13.50 33.01 23.28
CA LYS B 404 12.54 32.64 24.32
C LYS B 404 12.06 31.19 24.09
N ALA B 405 11.84 30.81 22.84
CA ALA B 405 11.38 29.45 22.52
C ALA B 405 12.48 28.44 22.80
N LEU B 406 13.70 28.75 22.36
CA LEU B 406 14.87 27.91 22.62
C LEU B 406 15.13 27.68 24.12
N LYS B 407 14.96 28.73 24.91
CA LYS B 407 15.10 28.63 26.36
C LYS B 407 14.05 27.73 27.00
N LYS B 408 12.82 27.84 26.51
CA LYS B 408 11.75 26.95 26.94
C LYS B 408 12.13 25.48 26.64
N ALA B 409 12.66 25.22 25.44
CA ALA B 409 13.14 23.87 25.07
C ALA B 409 14.18 23.38 26.07
N ILE B 410 15.18 24.23 26.32
CA ILE B 410 16.26 23.92 27.27
C ILE B 410 15.74 23.54 28.66
N ALA B 411 14.77 24.28 29.19
CA ALA B 411 14.24 23.99 30.53
C ALA B 411 13.76 22.53 30.66
N ILE B 412 13.08 22.03 29.64
CA ILE B 412 12.55 20.65 29.65
C ILE B 412 13.67 19.64 29.37
N MET B 413 14.50 19.97 28.38
CA MET B 413 15.57 19.07 27.95
C MET B 413 16.63 18.82 29.02
N GLU B 414 16.88 19.79 29.90
CA GLU B 414 17.81 19.61 31.02
C GLU B 414 17.39 18.46 31.92
N VAL B 415 16.09 18.30 32.10
CA VAL B 415 15.55 17.17 32.85
C VAL B 415 15.55 15.89 32.02
N ALA B 416 14.97 15.95 30.82
CA ALA B 416 14.80 14.73 30.01
C ALA B 416 16.10 14.17 29.43
N HIS B 417 16.98 15.05 28.97
CA HIS B 417 18.23 14.66 28.29
C HIS B 417 19.44 14.72 29.18
N GLY B 418 19.34 15.46 30.29
CA GLY B 418 20.46 15.71 31.16
C GLY B 418 21.14 17.01 30.77
N LYS B 419 21.54 17.78 31.78
CA LYS B 419 22.12 19.12 31.57
C LYS B 419 23.36 19.12 30.69
N ASP B 420 24.13 18.04 30.73
CA ASP B 420 25.35 17.87 29.94
C ASP B 420 25.13 17.22 28.56
N HIS B 421 23.89 17.04 28.12
CA HIS B 421 23.66 16.41 26.79
C HIS B 421 24.24 17.35 25.71
N PRO B 422 24.83 16.81 24.63
CA PRO B 422 25.33 17.68 23.51
C PRO B 422 24.24 18.58 22.87
N TYR B 423 23.03 18.08 22.76
CA TYR B 423 21.87 18.88 22.37
C TYR B 423 21.77 20.21 23.10
N ILE B 424 22.02 20.23 24.41
CA ILE B 424 21.90 21.47 25.18
C ILE B 424 23.04 22.48 24.86
N SER B 425 24.26 21.98 24.75
CA SER B 425 25.41 22.80 24.29
C SER B 425 25.11 23.43 22.93
N GLU B 426 24.65 22.59 22.01
CA GLU B 426 24.29 23.04 20.65
C GLU B 426 23.24 24.15 20.70
N ILE B 427 22.19 23.95 21.48
CA ILE B 427 21.14 24.96 21.56
C ILE B 427 21.63 26.24 22.23
N LYS B 428 22.46 26.12 23.26
CA LYS B 428 23.03 27.32 23.92
C LYS B 428 23.84 28.19 22.92
N GLN B 429 24.60 27.54 22.05
CA GLN B 429 25.37 28.23 21.00
C GLN B 429 24.47 28.91 19.96
N GLU B 430 23.30 28.33 19.68
CA GLU B 430 22.30 28.94 18.78
C GLU B 430 21.71 30.23 19.38
N ILE B 431 21.63 30.31 20.71
CA ILE B 431 21.20 31.53 21.41
C ILE B 431 22.33 32.57 21.46
N GLU B 432 23.57 32.14 21.70
CA GLU B 432 24.74 33.03 21.73
C GLU B 432 25.08 33.64 20.36
N SER B 433 24.85 32.87 19.29
CA SER B 433 25.16 33.30 17.91
C SER B 433 24.41 34.57 17.48
#